data_1V3O
# 
_entry.id   1V3O 
# 
_audit_conform.dict_name       mmcif_pdbx.dic 
_audit_conform.dict_version    5.380 
_audit_conform.dict_location   http://mmcif.pdb.org/dictionaries/ascii/mmcif_pdbx.dic 
# 
loop_
_database_2.database_id 
_database_2.database_code 
_database_2.pdbx_database_accession 
_database_2.pdbx_DOI 
PDB   1V3O         pdb_00001v3o 10.2210/pdb1v3o/pdb 
NDB   UD0047       ?            ?                   
RCSB  RCSB006165   ?            ?                   
WWPDB D_1000006165 ?            ?                   
# 
loop_
_pdbx_database_related.db_name 
_pdbx_database_related.db_id 
_pdbx_database_related.details 
_pdbx_database_related.content_type 
PDB 1V3N 'The same structure, Br-derivative'                           unspecified 
PDB 1V3P 'The same structure, I-derivative, with I-motif of G-quartet' unspecified 
# 
_pdbx_database_status.status_code                     REL 
_pdbx_database_status.entry_id                        1V3O 
_pdbx_database_status.recvd_initial_deposition_date   2003-11-03 
_pdbx_database_status.deposit_site                    PDBJ 
_pdbx_database_status.process_site                    PDBJ 
_pdbx_database_status.SG_entry                        . 
_pdbx_database_status.status_code_sf                  ? 
_pdbx_database_status.status_code_mr                  ? 
_pdbx_database_status.status_code_cs                  ? 
_pdbx_database_status.methods_development_category    ? 
_pdbx_database_status.pdb_format_compatible           Y 
_pdbx_database_status.status_code_nmr_data            ? 
# 
loop_
_audit_author.name 
_audit_author.pdbx_ordinal 
'Kondo, J.'    1 
'Umeda, S.'    2 
'Sunami, T.'   3 
'Takenaka, A.' 4 
# 
_citation.id                        primary 
_citation.title                     
;Crystal structures of a DNA octaplex with I-motif of G-quartets and its splitting into two quadruplexes suggest a folding mechanism of eight tandem repeats
;
_citation.journal_abbrev            'Nucleic Acids Res.' 
_citation.journal_volume            32 
_citation.page_first                2541 
_citation.page_last                 2549 
_citation.year                      2004 
_citation.journal_id_ASTM           NARHAD 
_citation.country                   UK 
_citation.journal_id_ISSN           0305-1048 
_citation.journal_id_CSD            0389 
_citation.book_publisher            ? 
_citation.pdbx_database_id_PubMed   15133122 
_citation.pdbx_database_id_DOI      10.1093/nar/gkh575 
# 
loop_
_citation_author.citation_id 
_citation_author.name 
_citation_author.ordinal 
_citation_author.identifier_ORCID 
primary 'Kondo, J.'    1 ? 
primary 'Adachi, W.'   2 ? 
primary 'Umeda, S.'    3 ? 
primary 'Sunami, T.'   4 ? 
primary 'Takenaka, A.' 5 ? 
# 
_cell.entry_id           1V3O 
_cell.length_a           34.650 
_cell.length_b           42.490 
_cell.length_c           64.080 
_cell.angle_alpha        90.00 
_cell.angle_beta         90.00 
_cell.angle_gamma        90.00 
_cell.Z_PDB              16 
_cell.pdbx_unique_axis   ? 
_cell.length_a_esd       ? 
_cell.length_b_esd       ? 
_cell.length_c_esd       ? 
_cell.angle_alpha_esd    ? 
_cell.angle_beta_esd     ? 
_cell.angle_gamma_esd    ? 
# 
_symmetry.entry_id                         1V3O 
_symmetry.space_group_name_H-M             'I 2 2 2' 
_symmetry.pdbx_full_space_group_name_H-M   ? 
_symmetry.cell_setting                     ? 
_symmetry.Int_Tables_number                23 
_symmetry.space_group_name_Hall            ? 
# 
loop_
_entity.id 
_entity.type 
_entity.src_method 
_entity.pdbx_description 
_entity.formula_weight 
_entity.pdbx_number_of_molecules 
_entity.pdbx_ec 
_entity.pdbx_mutation 
_entity.pdbx_fragment 
_entity.details 
1 polymer     syn "5'-D(*GP*(C38)P*GP*AP*GP*AP*GP*C)-3'" 2602.540 2  ? ? ? ? 
2 non-polymer syn 'POTASSIUM ION'                        39.098   1  ? ? ? ? 
3 water       nat water                                  18.015   87 ? ? ? ? 
# 
_entity_poly.entity_id                      1 
_entity_poly.type                           polydeoxyribonucleotide 
_entity_poly.nstd_linkage                   no 
_entity_poly.nstd_monomer                   yes 
_entity_poly.pdbx_seq_one_letter_code       '(DG)(C38)(DG)(DA)(DG)(DA)(DG)(DC)' 
_entity_poly.pdbx_seq_one_letter_code_can   GCGAGAGC 
_entity_poly.pdbx_strand_id                 A,B 
_entity_poly.pdbx_target_identifier         ? 
# 
loop_
_entity_poly_seq.entity_id 
_entity_poly_seq.num 
_entity_poly_seq.mon_id 
_entity_poly_seq.hetero 
1 1 DG  n 
1 2 C38 n 
1 3 DG  n 
1 4 DA  n 
1 5 DG  n 
1 6 DA  n 
1 7 DG  n 
1 8 DC  n 
# 
_struct_ref.id                         1 
_struct_ref.entity_id                  1 
_struct_ref.db_name                    PDB 
_struct_ref.db_code                    1V3O 
_struct_ref.pdbx_db_accession          1V3O 
_struct_ref.pdbx_align_begin           ? 
_struct_ref.pdbx_seq_one_letter_code   ? 
_struct_ref.pdbx_db_isoform            ? 
# 
loop_
_struct_ref_seq.align_id 
_struct_ref_seq.ref_id 
_struct_ref_seq.pdbx_PDB_id_code 
_struct_ref_seq.pdbx_strand_id 
_struct_ref_seq.seq_align_beg 
_struct_ref_seq.pdbx_seq_align_beg_ins_code 
_struct_ref_seq.seq_align_end 
_struct_ref_seq.pdbx_seq_align_end_ins_code 
_struct_ref_seq.pdbx_db_accession 
_struct_ref_seq.db_align_beg 
_struct_ref_seq.pdbx_db_align_beg_ins_code 
_struct_ref_seq.db_align_end 
_struct_ref_seq.pdbx_db_align_end_ins_code 
_struct_ref_seq.pdbx_auth_seq_align_beg 
_struct_ref_seq.pdbx_auth_seq_align_end 
1 1 1V3O A 1 ? 8 ? 1V3O 1 ? 8  ? 1 8  
2 1 1V3O B 1 ? 8 ? 1V3O 9 ? 16 ? 9 16 
# 
loop_
_chem_comp.id 
_chem_comp.type 
_chem_comp.mon_nstd_flag 
_chem_comp.name 
_chem_comp.pdbx_synonyms 
_chem_comp.formula 
_chem_comp.formula_weight 
C38 'DNA linking' n "5-IODO-2'-DEOXY-CYTIDINE-5'-MONOPHOSPHATE" ? 'C9 H13 I N3 O7 P' 433.094 
DA  'DNA linking' y "2'-DEOXYADENOSINE-5'-MONOPHOSPHATE"        ? 'C10 H14 N5 O6 P'  331.222 
DC  'DNA linking' y "2'-DEOXYCYTIDINE-5'-MONOPHOSPHATE"         ? 'C9 H14 N3 O7 P'   307.197 
DG  'DNA linking' y "2'-DEOXYGUANOSINE-5'-MONOPHOSPHATE"        ? 'C10 H14 N5 O7 P'  347.221 
HOH non-polymer   . WATER                                       ? 'H2 O'             18.015  
K   non-polymer   . 'POTASSIUM ION'                             ? 'K 1'              39.098  
# 
_exptl.entry_id          1V3O 
_exptl.method            'X-RAY DIFFRACTION' 
_exptl.crystals_number   1 
# 
_exptl_crystal.id                    1 
_exptl_crystal.density_meas          ? 
_exptl_crystal.density_Matthews      2.17 
_exptl_crystal.density_percent_sol   43.37 
_exptl_crystal.description           ? 
_exptl_crystal.F_000                 ? 
_exptl_crystal.preparation           ? 
# 
_exptl_crystal_grow.crystal_id      1 
_exptl_crystal_grow.method          'VAPOR DIFFUSION, HANGING DROP' 
_exptl_crystal_grow.temp            277 
_exptl_crystal_grow.temp_details    ? 
_exptl_crystal_grow.pH              7.0 
_exptl_crystal_grow.pdbx_details    
;2-methyl-2,4-pentanediol, spermine tetrahydrochloride, sodium chloride, potassium chloride, sodium cacodylate , pH 7.0, VAPOR DIFFUSION, HANGING DROP, temperature 277K
;
_exptl_crystal_grow.pdbx_pH_range   . 
# 
loop_
_exptl_crystal_grow_comp.crystal_id 
_exptl_crystal_grow_comp.id 
_exptl_crystal_grow_comp.sol_id 
_exptl_crystal_grow_comp.name 
_exptl_crystal_grow_comp.volume 
_exptl_crystal_grow_comp.conc 
_exptl_crystal_grow_comp.details 
1 1 1 2-methyl-2,4-pentanediol      ? ? ? 
1 2 1 'spermine tetrahydrochloride' ? ? ? 
1 3 1 'sodium chloride'             ? ? ? 
1 4 1 'potassium chloride'          ? ? ? 
1 5 1 'sodium cacodylate'           ? ? ? 
1 6 2 'sodium chloride'             ? ? ? 
1 7 2 'potassium chloride'          ? ? ? 
1 8 2 'sodium cacodylate'           ? ? ? 
# 
_diffrn.id                     1 
_diffrn.ambient_temp           100 
_diffrn.ambient_temp_details   ? 
_diffrn.crystal_id             1 
# 
_diffrn_detector.diffrn_id              1 
_diffrn_detector.detector               CCD 
_diffrn_detector.type                   'OXFORD PX210' 
_diffrn_detector.pdbx_collection_date   2001-03-27 
_diffrn_detector.details                ? 
# 
_diffrn_radiation.diffrn_id                        1 
_diffrn_radiation.wavelength_id                    1 
_diffrn_radiation.pdbx_monochromatic_or_laue_m_l   M 
_diffrn_radiation.monochromator                    ? 
_diffrn_radiation.pdbx_diffrn_protocol             'SINGLE WAVELENGTH' 
_diffrn_radiation.pdbx_scattering_type             x-ray 
# 
_diffrn_radiation_wavelength.id           1 
_diffrn_radiation_wavelength.wavelength   0.90 
_diffrn_radiation_wavelength.wt           1.0 
# 
_diffrn_source.diffrn_id                   1 
_diffrn_source.source                      SYNCHROTRON 
_diffrn_source.type                        'SPRING-8 BEAMLINE BL44XU' 
_diffrn_source.pdbx_synchrotron_site       SPring-8 
_diffrn_source.pdbx_synchrotron_beamline   BL44XU 
_diffrn_source.pdbx_wavelength             ? 
_diffrn_source.pdbx_wavelength_list        0.90 
# 
_reflns.entry_id                     1V3O 
_reflns.observed_criterion_sigma_F   0.0 
_reflns.observed_criterion_sigma_I   0.0 
_reflns.d_resolution_high            1.7 
_reflns.d_resolution_low             35 
_reflns.number_all                   5463 
_reflns.number_obs                   5269 
_reflns.percent_possible_obs         96.5 
_reflns.pdbx_Rmerge_I_obs            0.096 
_reflns.pdbx_Rsym_value              ? 
_reflns.pdbx_netI_over_sigmaI        4.2 
_reflns.B_iso_Wilson_estimate        ? 
_reflns.pdbx_redundancy              ? 
_reflns.R_free_details               ? 
_reflns.pdbx_chi_squared             ? 
_reflns.pdbx_scaling_rejects         ? 
_reflns.pdbx_ordinal                 1 
_reflns.pdbx_diffrn_id               1 
# 
_reflns_shell.d_res_high             1.7 
_reflns_shell.d_res_low              1.76 
_reflns_shell.percent_possible_all   100.0 
_reflns_shell.Rmerge_I_obs           0.137 
_reflns_shell.pdbx_Rsym_value        ? 
_reflns_shell.meanI_over_sigI_obs    1.9 
_reflns_shell.pdbx_redundancy        ? 
_reflns_shell.percent_possible_obs   ? 
_reflns_shell.number_unique_all      527 
_reflns_shell.number_measured_all    ? 
_reflns_shell.number_measured_obs    ? 
_reflns_shell.number_unique_obs      ? 
_reflns_shell.pdbx_chi_squared       ? 
_reflns_shell.pdbx_ordinal           1 
_reflns_shell.pdbx_diffrn_id         1 
# 
_refine.entry_id                                 1V3O 
_refine.ls_d_res_high                            1.7 
_refine.ls_d_res_low                             9.0 
_refine.pdbx_ls_sigma_F                          3.0 
_refine.pdbx_ls_sigma_I                          ? 
_refine.ls_number_reflns_all                     5414 
_refine.ls_number_reflns_obs                     5063 
_refine.ls_number_reflns_R_free                  528 
_refine.ls_percent_reflns_obs                    93.5 
_refine.ls_R_factor_all                          ? 
_refine.ls_R_factor_obs                          ? 
_refine.ls_R_factor_R_work                       0.262 
_refine.ls_R_factor_R_free                       0.296 
_refine.ls_redundancy_reflns_obs                 ? 
_refine.pdbx_data_cutoff_high_absF               ? 
_refine.pdbx_data_cutoff_low_absF                ? 
_refine.ls_number_parameters                     ? 
_refine.ls_number_restraints                     ? 
_refine.ls_percent_reflns_R_free                 ? 
_refine.ls_R_factor_R_free_error                 ? 
_refine.ls_R_factor_R_free_error_details         ? 
_refine.pdbx_method_to_determine_struct          'MOLECULAR REPLACEMENT' 
_refine.pdbx_starting_model                      'PDB ENTRY 1V3N' 
_refine.pdbx_ls_cross_valid_method               ? 
_refine.pdbx_R_Free_selection_details            RANDOM 
_refine.pdbx_stereochem_target_val_spec_case     ? 
_refine.pdbx_stereochemistry_target_values       'G. PARKINSON ET AL., (1996) ACTACRYST. D52, 57-64' 
_refine.solvent_model_details                    ? 
_refine.solvent_model_param_bsol                 ? 
_refine.solvent_model_param_ksol                 ? 
_refine.occupancy_max                            ? 
_refine.occupancy_min                            ? 
_refine.pdbx_isotropic_thermal_model             ? 
_refine.B_iso_mean                               ? 
_refine.aniso_B[1][1]                            ? 
_refine.aniso_B[1][2]                            ? 
_refine.aniso_B[1][3]                            ? 
_refine.aniso_B[2][2]                            ? 
_refine.aniso_B[2][3]                            ? 
_refine.aniso_B[3][3]                            ? 
_refine.details                                  ? 
_refine.correlation_coeff_Fo_to_Fc               ? 
_refine.correlation_coeff_Fo_to_Fc_free          ? 
_refine.pdbx_solvent_vdw_probe_radii             ? 
_refine.pdbx_solvent_ion_probe_radii             ? 
_refine.pdbx_solvent_shrinkage_radii             ? 
_refine.overall_SU_R_Cruickshank_DPI             ? 
_refine.overall_SU_R_free                        ? 
_refine.overall_SU_B                             ? 
_refine.overall_SU_ML                            ? 
_refine.pdbx_overall_ESU_R                       ? 
_refine.pdbx_overall_ESU_R_Free                  ? 
_refine.pdbx_data_cutoff_high_rms_absF           ? 
_refine.pdbx_refine_id                           'X-RAY DIFFRACTION' 
_refine.pdbx_overall_phase_error                 ? 
_refine.ls_wR_factor_R_free                      ? 
_refine.ls_wR_factor_R_work                      ? 
_refine.overall_FOM_free_R_set                   ? 
_refine.overall_FOM_work_R_set                   ? 
_refine.pdbx_diffrn_id                           1 
_refine.pdbx_TLS_residual_ADP_flag               ? 
_refine.pdbx_overall_SU_R_free_Cruickshank_DPI   ? 
_refine.pdbx_overall_SU_R_Blow_DPI               ? 
_refine.pdbx_overall_SU_R_free_Blow_DPI          ? 
# 
_refine_analyze.entry_id                        1V3O 
_refine_analyze.Luzzati_coordinate_error_obs    0.40 
_refine_analyze.Luzzati_sigma_a_obs             0.60 
_refine_analyze.Luzzati_d_res_low_obs           5.0 
_refine_analyze.Luzzati_coordinate_error_free   ? 
_refine_analyze.Luzzati_sigma_a_free            ? 
_refine_analyze.Luzzati_d_res_low_free          ? 
_refine_analyze.number_disordered_residues      ? 
_refine_analyze.occupancy_sum_non_hydrogen      ? 
_refine_analyze.occupancy_sum_hydrogen          ? 
_refine_analyze.pdbx_refine_id                  'X-RAY DIFFRACTION' 
# 
_refine_hist.pdbx_refine_id                   'X-RAY DIFFRACTION' 
_refine_hist.cycle_id                         LAST 
_refine_hist.pdbx_number_atoms_protein        0 
_refine_hist.pdbx_number_atoms_nucleic_acid   332 
_refine_hist.pdbx_number_atoms_ligand         1 
_refine_hist.number_atoms_solvent             87 
_refine_hist.number_atoms_total               420 
_refine_hist.d_res_high                       1.7 
_refine_hist.d_res_low                        9.0 
# 
loop_
_refine_ls_restr.type 
_refine_ls_restr.dev_ideal 
_refine_ls_restr.dev_ideal_target 
_refine_ls_restr.weight 
_refine_ls_restr.number 
_refine_ls_restr.pdbx_refine_id 
_refine_ls_restr.pdbx_restraint_function 
c_bond_d           0.004 ? ? ? 'X-RAY DIFFRACTION' ? 
c_angle_deg        0.9   ? ? ? 'X-RAY DIFFRACTION' ? 
c_dihedral_angle_d 23.6  ? ? ? 'X-RAY DIFFRACTION' ? 
c_improper_angle_d 0.8   ? ? ? 'X-RAY DIFFRACTION' ? 
# 
_refine_ls_shell.pdbx_total_number_of_bins_used   ? 
_refine_ls_shell.d_res_high                       1.7 
_refine_ls_shell.d_res_low                        1.76 
_refine_ls_shell.number_reflns_R_work             ? 
_refine_ls_shell.R_factor_R_work                  0.5554 
_refine_ls_shell.percent_reflns_obs               90.4 
_refine_ls_shell.R_factor_R_free                  0.6045 
_refine_ls_shell.R_factor_R_free_error            ? 
_refine_ls_shell.percent_reflns_R_free            ? 
_refine_ls_shell.number_reflns_R_free             50 
_refine_ls_shell.redundancy_reflns_obs            ? 
_refine_ls_shell.pdbx_refine_id                   'X-RAY DIFFRACTION' 
_refine_ls_shell.number_reflns_all                ? 
_refine_ls_shell.number_reflns_obs                ? 
_refine_ls_shell.R_factor_all                     ? 
# 
_struct.entry_id                  1V3O 
_struct.title                     'Crystal structure of d(GCGAGAGC): the DNA quadruplex structure split from the octaplex' 
_struct.pdbx_model_details        ? 
_struct.pdbx_CASP_flag            ? 
_struct.pdbx_model_type_details   ? 
# 
_struct_keywords.entry_id        1V3O 
_struct_keywords.pdbx_keywords   DNA 
_struct_keywords.text            
;octaplex, quadruplex, G-duet, base-intercalated duplex, base-intercalated motif, sheared G:A pair, DNA, deoxyribonucleic acid, X-ray analysis
;
# 
loop_
_struct_asym.id 
_struct_asym.pdbx_blank_PDB_chainid_flag 
_struct_asym.pdbx_modified 
_struct_asym.entity_id 
_struct_asym.details 
A N N 1 ? 
B N N 1 ? 
C N N 2 ? 
D N N 3 ? 
E N N 3 ? 
# 
_struct_biol.id                    1 
_struct_biol.details               
'The biological assembly is a quadruplex generated from the duplex in the asymmetric unit by the operations: x, y, z and -x, y, -z.' 
_struct_biol.pdbx_parent_biol_id   ? 
# 
loop_
_struct_conn.id 
_struct_conn.conn_type_id 
_struct_conn.pdbx_leaving_atom_flag 
_struct_conn.pdbx_PDB_id 
_struct_conn.ptnr1_label_asym_id 
_struct_conn.ptnr1_label_comp_id 
_struct_conn.ptnr1_label_seq_id 
_struct_conn.ptnr1_label_atom_id 
_struct_conn.pdbx_ptnr1_label_alt_id 
_struct_conn.pdbx_ptnr1_PDB_ins_code 
_struct_conn.pdbx_ptnr1_standard_comp_id 
_struct_conn.ptnr1_symmetry 
_struct_conn.ptnr2_label_asym_id 
_struct_conn.ptnr2_label_comp_id 
_struct_conn.ptnr2_label_seq_id 
_struct_conn.ptnr2_label_atom_id 
_struct_conn.pdbx_ptnr2_label_alt_id 
_struct_conn.pdbx_ptnr2_PDB_ins_code 
_struct_conn.ptnr1_auth_asym_id 
_struct_conn.ptnr1_auth_comp_id 
_struct_conn.ptnr1_auth_seq_id 
_struct_conn.ptnr2_auth_asym_id 
_struct_conn.ptnr2_auth_comp_id 
_struct_conn.ptnr2_auth_seq_id 
_struct_conn.ptnr2_symmetry 
_struct_conn.pdbx_ptnr3_label_atom_id 
_struct_conn.pdbx_ptnr3_label_seq_id 
_struct_conn.pdbx_ptnr3_label_comp_id 
_struct_conn.pdbx_ptnr3_label_asym_id 
_struct_conn.pdbx_ptnr3_label_alt_id 
_struct_conn.pdbx_ptnr3_PDB_ins_code 
_struct_conn.details 
_struct_conn.pdbx_dist_value 
_struct_conn.pdbx_value_order 
_struct_conn.pdbx_role 
covale1  covale both ? A DG  1 "O3'" ? ? ? 1_555 A C38 2 P  ? ? A DG  1   A C38 2   1_555 ? ? ? ? ? ? ?            1.606 ? ? 
covale2  covale one  ? A C38 2 "O3'" ? ? ? 1_555 A DG  3 P  ? ? A C38 2   A DG  3   1_555 ? ? ? ? ? ? ?            1.604 ? ? 
covale3  covale both ? B DG  1 "O3'" ? ? ? 1_555 B C38 2 P  ? ? B DG  9   B C38 10  1_555 ? ? ? ? ? ? ?            1.609 ? ? 
covale4  covale one  ? B C38 2 "O3'" ? ? ? 1_555 B DG  3 P  ? ? B C38 10  B DG  11  1_555 ? ? ? ? ? ? ?            1.604 ? ? 
metalc1  metalc ?    ? A DG  5 O6    ? ? ? 1_555 C K   . K  ? ? A DG  5   A K   104 1_555 ? ? ? ? ? ? ?            2.674 ? ? 
metalc2  metalc ?    ? A DG  5 O6    ? ? ? 3_555 C K   . K  ? ? A DG  5   A K   104 1_555 ? ? ? ? ? ? ?            2.674 ? ? 
metalc3  metalc ?    ? D HOH . O     ? ? ? 1_555 C K   . K  ? ? A HOH 25  A K   104 1_555 ? ? ? ? ? ? ?            3.025 ? ? 
metalc4  metalc ?    ? D HOH . O     ? ? ? 3_555 C K   . K  ? ? A HOH 25  A K   104 1_555 ? ? ? ? ? ? ?            3.025 ? ? 
metalc5  metalc ?    ? C K   . K     ? ? ? 1_555 B DG  5 O6 ? ? A K   104 B DG  13  1_555 ? ? ? ? ? ? ?            2.888 ? ? 
metalc6  metalc ?    ? C K   . K     ? ? ? 1_555 B DG  5 O6 ? ? A K   104 B DG  13  3_555 ? ? ? ? ? ? ?            2.888 ? ? 
metalc7  metalc ?    ? C K   . K     ? ? ? 1_555 E HOH . O  ? ? A K   104 B HOH 97  1_555 ? ? ? ? ? ? ?            3.166 ? ? 
metalc8  metalc ?    ? C K   . K     ? ? ? 1_555 E HOH . O  ? ? A K   104 B HOH 97  3_555 ? ? ? ? ? ? ?            3.166 ? ? 
hydrog1  hydrog ?    ? A DG  1 N1    ? ? ? 1_555 B DC  8 N3 ? ? A DG  1   B DC  16  1_555 ? ? ? ? ? ? WATSON-CRICK ?     ? ? 
hydrog2  hydrog ?    ? A DG  1 N2    ? ? ? 1_555 B DC  8 O2 ? ? A DG  1   B DC  16  1_555 ? ? ? ? ? ? WATSON-CRICK ?     ? ? 
hydrog3  hydrog ?    ? A DG  1 O6    ? ? ? 1_555 B DC  8 N4 ? ? A DG  1   B DC  16  1_555 ? ? ? ? ? ? WATSON-CRICK ?     ? ? 
hydrog4  hydrog ?    ? A C38 2 N3    ? ? ? 1_555 B DG  7 N1 ? ? A C38 2   B DG  15  1_555 ? ? ? ? ? ? WATSON-CRICK ?     ? ? 
hydrog5  hydrog ?    ? A C38 2 N4    ? ? ? 1_555 B DG  7 O6 ? ? A C38 2   B DG  15  1_555 ? ? ? ? ? ? WATSON-CRICK ?     ? ? 
hydrog6  hydrog ?    ? A C38 2 O2    ? ? ? 1_555 B DG  7 N2 ? ? A C38 2   B DG  15  1_555 ? ? ? ? ? ? WATSON-CRICK ?     ? ? 
hydrog7  hydrog ?    ? A DG  3 N2    ? ? ? 1_555 B DA  6 N7 ? ? A DG  3   B DA  14  1_555 ? ? ? ? ? ? TYPE_11_PAIR ?     ? ? 
hydrog8  hydrog ?    ? A DG  3 N3    ? ? ? 1_555 B DA  6 N6 ? ? A DG  3   B DA  14  1_555 ? ? ? ? ? ? TYPE_11_PAIR ?     ? ? 
hydrog9  hydrog ?    ? A DA  6 N6    ? ? ? 1_555 B DG  3 N3 ? ? A DA  6   B DG  11  1_555 ? ? ? ? ? ? TYPE_11_PAIR ?     ? ? 
hydrog10 hydrog ?    ? A DA  6 N7    ? ? ? 1_555 B DG  3 N2 ? ? A DA  6   B DG  11  1_555 ? ? ? ? ? ? TYPE_11_PAIR ?     ? ? 
hydrog11 hydrog ?    ? A DG  7 N1    ? ? ? 1_555 B C38 2 N3 ? ? A DG  7   B C38 10  1_555 ? ? ? ? ? ? WATSON-CRICK ?     ? ? 
hydrog12 hydrog ?    ? A DG  7 N2    ? ? ? 1_555 B C38 2 O2 ? ? A DG  7   B C38 10  1_555 ? ? ? ? ? ? WATSON-CRICK ?     ? ? 
hydrog13 hydrog ?    ? A DG  7 O6    ? ? ? 1_555 B C38 2 N4 ? ? A DG  7   B C38 10  1_555 ? ? ? ? ? ? WATSON-CRICK ?     ? ? 
hydrog14 hydrog ?    ? A DC  8 N3    ? ? ? 1_555 B DG  1 N1 ? ? A DC  8   B DG  9   1_555 ? ? ? ? ? ? WATSON-CRICK ?     ? ? 
hydrog15 hydrog ?    ? A DC  8 N4    ? ? ? 1_555 B DG  1 O6 ? ? A DC  8   B DG  9   1_555 ? ? ? ? ? ? WATSON-CRICK ?     ? ? 
hydrog16 hydrog ?    ? A DC  8 O2    ? ? ? 1_555 B DG  1 N2 ? ? A DC  8   B DG  9   1_555 ? ? ? ? ? ? WATSON-CRICK ?     ? ? 
# 
loop_
_struct_conn_type.id 
_struct_conn_type.criteria 
_struct_conn_type.reference 
covale ? ? 
metalc ? ? 
hydrog ? ? 
# 
_struct_site.id                   AC1 
_struct_site.pdbx_evidence_code   Software 
_struct_site.pdbx_auth_asym_id    A 
_struct_site.pdbx_auth_comp_id    K 
_struct_site.pdbx_auth_seq_id     104 
_struct_site.pdbx_auth_ins_code   ? 
_struct_site.pdbx_num_residues    6 
_struct_site.details              'BINDING SITE FOR RESIDUE K A 104' 
# 
loop_
_struct_site_gen.id 
_struct_site_gen.site_id 
_struct_site_gen.pdbx_num_res 
_struct_site_gen.label_comp_id 
_struct_site_gen.label_asym_id 
_struct_site_gen.label_seq_id 
_struct_site_gen.pdbx_auth_ins_code 
_struct_site_gen.auth_comp_id 
_struct_site_gen.auth_asym_id 
_struct_site_gen.auth_seq_id 
_struct_site_gen.label_atom_id 
_struct_site_gen.label_alt_id 
_struct_site_gen.symmetry 
_struct_site_gen.details 
1 AC1 6 DG  A 5 ? DG  A 5  . ? 3_555 ? 
2 AC1 6 DG  A 5 ? DG  A 5  . ? 1_555 ? 
3 AC1 6 HOH D . ? HOH A 25 . ? 3_555 ? 
4 AC1 6 HOH D . ? HOH A 25 . ? 1_555 ? 
5 AC1 6 DG  B 5 ? DG  B 13 . ? 1_555 ? 
6 AC1 6 DG  B 5 ? DG  B 13 . ? 3_555 ? 
# 
_atom_sites.entry_id                    1V3O 
_atom_sites.fract_transf_matrix[1][1]   -0.02612462 
_atom_sites.fract_transf_matrix[1][2]   0.00402169 
_atom_sites.fract_transf_matrix[1][3]   -0.01158576 
_atom_sites.fract_transf_matrix[2][1]   0.00642939 
_atom_sites.fract_transf_matrix[2][2]   -0.01253911 
_atom_sites.fract_transf_matrix[2][3]   -0.01885019 
_atom_sites.fract_transf_matrix[3][1]   -0.00507939 
_atom_sites.fract_transf_matrix[3][2]   -0.01302546 
_atom_sites.fract_transf_matrix[3][3]   0.00693204 
_atom_sites.fract_transf_vector[1]      0.183114 
_atom_sites.fract_transf_vector[2]      0.249182 
_atom_sites.fract_transf_vector[3]      0.035654 
# 
loop_
_atom_type.symbol 
C 
I 
K 
N 
O 
P 
# 
loop_
_atom_site.group_PDB 
_atom_site.id 
_atom_site.type_symbol 
_atom_site.label_atom_id 
_atom_site.label_alt_id 
_atom_site.label_comp_id 
_atom_site.label_asym_id 
_atom_site.label_entity_id 
_atom_site.label_seq_id 
_atom_site.pdbx_PDB_ins_code 
_atom_site.Cartn_x 
_atom_site.Cartn_y 
_atom_site.Cartn_z 
_atom_site.occupancy 
_atom_site.B_iso_or_equiv 
_atom_site.pdbx_formal_charge 
_atom_site.auth_seq_id 
_atom_site.auth_comp_id 
_atom_site.auth_asym_id 
_atom_site.auth_atom_id 
_atom_site.pdbx_PDB_model_num 
ATOM   1   O "O5'" . DG  A 1 1 ? -0.818  -14.559 11.141  1.00 50.95 ? 1   DG  A "O5'" 1 
ATOM   2   C "C5'" . DG  A 1 1 ? 0.235   -13.617 10.928  1.00 47.70 ? 1   DG  A "C5'" 1 
ATOM   3   C "C4'" . DG  A 1 1 ? 1.213   -14.177 9.925   1.00 42.38 ? 1   DG  A "C4'" 1 
ATOM   4   O "O4'" . DG  A 1 1 ? 0.523   -14.416 8.680   1.00 34.41 ? 1   DG  A "O4'" 1 
ATOM   5   C "C3'" . DG  A 1 1 ? 2.368   -13.252 9.567   1.00 40.88 ? 1   DG  A "C3'" 1 
ATOM   6   O "O3'" . DG  A 1 1 ? 3.474   -14.036 9.110   1.00 50.01 ? 1   DG  A "O3'" 1 
ATOM   7   C "C2'" . DG  A 1 1 ? 1.789   -12.433 8.431   1.00 42.25 ? 1   DG  A "C2'" 1 
ATOM   8   C "C1'" . DG  A 1 1 ? 0.897   -13.441 7.713   1.00 43.45 ? 1   DG  A "C1'" 1 
ATOM   9   N N9    . DG  A 1 1 ? -0.329  -12.879 7.167   1.00 41.58 ? 1   DG  A N9    1 
ATOM   10  C C8    . DG  A 1 1 ? -1.232  -12.075 7.823   1.00 46.30 ? 1   DG  A C8    1 
ATOM   11  N N7    . DG  A 1 1 ? -2.257  -11.749 7.086   1.00 45.12 ? 1   DG  A N7    1 
ATOM   12  C C5    . DG  A 1 1 ? -2.017  -12.371 5.865   1.00 42.61 ? 1   DG  A C5    1 
ATOM   13  C C6    . DG  A 1 1 ? -2.786  -12.382 4.673   1.00 36.11 ? 1   DG  A C6    1 
ATOM   14  O O6    . DG  A 1 1 ? -3.874  -11.835 4.452   1.00 37.24 ? 1   DG  A O6    1 
ATOM   15  N N1    . DG  A 1 1 ? -2.167  -13.129 3.675   1.00 30.05 ? 1   DG  A N1    1 
ATOM   16  C C2    . DG  A 1 1 ? -0.967  -13.783 3.806   1.00 27.69 ? 1   DG  A C2    1 
ATOM   17  N N2    . DG  A 1 1 ? -0.533  -14.445 2.729   1.00 34.31 ? 1   DG  A N2    1 
ATOM   18  N N3    . DG  A 1 1 ? -0.246  -13.786 4.912   1.00 38.17 ? 1   DG  A N3    1 
ATOM   19  C C4    . DG  A 1 1 ? -0.827  -13.062 5.898   1.00 36.78 ? 1   DG  A C4    1 
HETATM 20  P P     . C38 A 1 2 ? 4.953   -13.411 9.120   1.00 51.20 ? 2   C38 A P     1 
HETATM 21  O O1P   . C38 A 1 2 ? 4.988   -12.408 10.214  1.00 54.32 ? 2   C38 A O1P   1 
HETATM 22  O O2P   . C38 A 1 2 ? 5.935   -14.527 9.115   1.00 54.65 ? 2   C38 A O2P   1 
HETATM 23  O "O5'" . C38 A 1 2 ? 5.061   -12.668 7.719   1.00 48.76 ? 2   C38 A "O5'" 1 
HETATM 24  C "C5'" . C38 A 1 2 ? 5.242   -13.422 6.532   1.00 47.26 ? 2   C38 A "C5'" 1 
HETATM 25  C "C4'" . C38 A 1 2 ? 4.863   -12.601 5.324   1.00 43.33 ? 2   C38 A "C4'" 1 
HETATM 26  O "O4'" . C38 A 1 2 ? 3.470   -12.249 5.346   1.00 44.46 ? 2   C38 A "O4'" 1 
HETATM 27  C "C3'" . C38 A 1 2 ? 5.616   -11.285 5.122   1.00 52.33 ? 2   C38 A "C3'" 1 
HETATM 28  O "O3'" . C38 A 1 2 ? 6.539   -11.467 4.042   1.00 57.24 ? 2   C38 A "O3'" 1 
HETATM 29  C "C2'" . C38 A 1 2 ? 4.525   -10.277 4.766   1.00 45.48 ? 2   C38 A "C2'" 1 
HETATM 30  C "C1'" . C38 A 1 2 ? 3.331   -11.160 4.468   1.00 40.34 ? 2   C38 A "C1'" 1 
HETATM 31  N N1    . C38 A 1 2 ? 1.988   -10.588 4.659   1.00 35.73 ? 2   C38 A N1    1 
HETATM 32  C C2    . C38 A 1 2 ? 1.064   -10.743 3.623   1.00 31.88 ? 2   C38 A C2    1 
HETATM 33  O O2    . C38 A 1 2 ? 1.418   -11.345 2.595   1.00 33.15 ? 2   C38 A O2    1 
HETATM 34  N N3    . C38 A 1 2 ? -0.183  -10.244 3.761   1.00 29.50 ? 2   C38 A N3    1 
HETATM 35  C C4    . C38 A 1 2 ? -0.524  -9.612  4.886   1.00 38.44 ? 2   C38 A C4    1 
HETATM 36  N N4    . C38 A 1 2 ? -1.765  -9.133  4.982   1.00 30.90 ? 2   C38 A N4    1 
HETATM 37  C C5    . C38 A 1 2 ? 0.398   -9.440  5.963   1.00 23.32 ? 2   C38 A C5    1 
HETATM 38  C C6    . C38 A 1 2 ? 1.635   -9.932  5.809   1.00 34.73 ? 2   C38 A C6    1 
HETATM 39  I I     . C38 A 1 2 ? -0.201  -8.467  7.798   1.00 52.11 ? 2   C38 A I     1 
ATOM   40  P P     . DG  A 1 3 ? 7.534   -10.281 3.625   1.00 47.37 ? 3   DG  A P     1 
ATOM   41  O OP1   . DG  A 1 3 ? 8.804   -10.901 3.166   1.00 61.28 ? 3   DG  A OP1   1 
ATOM   42  O OP2   . DG  A 1 3 ? 7.560   -9.286  4.730   1.00 54.24 ? 3   DG  A OP2   1 
ATOM   43  O "O5'" . DG  A 1 3 ? 6.806   -9.627  2.368   1.00 55.47 ? 3   DG  A "O5'" 1 
ATOM   44  C "C5'" . DG  A 1 3 ? 6.112   -10.449 1.434   1.00 55.03 ? 3   DG  A "C5'" 1 
ATOM   45  C "C4'" . DG  A 1 3 ? 5.156   -9.618  0.613   1.00 44.85 ? 3   DG  A "C4'" 1 
ATOM   46  O "O4'" . DG  A 1 3 ? 4.160   -9.034  1.483   1.00 41.76 ? 3   DG  A "O4'" 1 
ATOM   47  C "C3'" . DG  A 1 3 ? 5.792   -8.442  -0.125  1.00 40.73 ? 3   DG  A "C3'" 1 
ATOM   48  O "O3'" . DG  A 1 3 ? 5.034   -8.192  -1.314  1.00 43.52 ? 3   DG  A "O3'" 1 
ATOM   49  C "C2'" . DG  A 1 3 ? 5.609   -7.303  0.860   1.00 44.28 ? 3   DG  A "C2'" 1 
ATOM   50  C "C1'" . DG  A 1 3 ? 4.224   -7.616  1.396   1.00 44.62 ? 3   DG  A "C1'" 1 
ATOM   51  N N9    . DG  A 1 3 ? 3.914   -7.082  2.713   1.00 41.28 ? 3   DG  A N9    1 
ATOM   52  C C8    . DG  A 1 3 ? 4.788   -6.764  3.730   1.00 38.50 ? 3   DG  A C8    1 
ATOM   53  N N7    . DG  A 1 3 ? 4.187   -6.357  4.812   1.00 39.95 ? 3   DG  A N7    1 
ATOM   54  C C5    . DG  A 1 3 ? 2.835   -6.406  4.493   1.00 35.85 ? 3   DG  A C5    1 
ATOM   55  C C6    . DG  A 1 3 ? 1.699   -6.108  5.274   1.00 32.99 ? 3   DG  A C6    1 
ATOM   56  O O6    . DG  A 1 3 ? 1.644   -5.764  6.460   1.00 34.22 ? 3   DG  A O6    1 
ATOM   57  N N1    . DG  A 1 3 ? 0.525   -6.266  4.544   1.00 44.42 ? 3   DG  A N1    1 
ATOM   58  C C2    . DG  A 1 3 ? 0.453   -6.681  3.237   1.00 28.26 ? 3   DG  A C2    1 
ATOM   59  N N2    . DG  A 1 3 ? -0.777  -6.760  2.698   1.00 30.98 ? 3   DG  A N2    1 
ATOM   60  N N3    . DG  A 1 3 ? 1.507   -6.991  2.511   1.00 36.35 ? 3   DG  A N3    1 
ATOM   61  C C4    . DG  A 1 3 ? 2.659   -6.830  3.196   1.00 39.62 ? 3   DG  A C4    1 
ATOM   62  P P     . DA  A 1 4 ? 5.442   -6.979  -2.291  1.00 45.51 ? 4   DA  A P     1 
ATOM   63  O OP1   . DA  A 1 4 ? 5.576   -7.555  -3.654  1.00 51.71 ? 4   DA  A OP1   1 
ATOM   64  O OP2   . DA  A 1 4 ? 6.581   -6.239  -1.698  1.00 44.51 ? 4   DA  A OP2   1 
ATOM   65  O "O5'" . DA  A 1 4 ? 4.154   -6.042  -2.284  1.00 41.48 ? 4   DA  A "O5'" 1 
ATOM   66  C "C5'" . DA  A 1 4 ? 2.916   -6.511  -2.811  1.00 40.91 ? 4   DA  A "C5'" 1 
ATOM   67  C "C4'" . DA  A 1 4 ? 1.760   -5.755  -2.199  1.00 38.44 ? 4   DA  A "C4'" 1 
ATOM   68  O "O4'" . DA  A 1 4 ? 1.711   -5.965  -0.769  1.00 36.25 ? 4   DA  A "O4'" 1 
ATOM   69  C "C3'" . DA  A 1 4 ? 1.792   -4.241  -2.380  1.00 32.45 ? 4   DA  A "C3'" 1 
ATOM   70  O "O3'" . DA  A 1 4 ? 1.155   -3.887  -3.608  1.00 34.60 ? 4   DA  A "O3'" 1 
ATOM   71  C "C2'" . DA  A 1 4 ? 0.967   -3.756  -1.203  1.00 30.17 ? 4   DA  A "C2'" 1 
ATOM   72  C "C1'" . DA  A 1 4 ? 1.345   -4.752  -0.110  1.00 35.39 ? 4   DA  A "C1'" 1 
ATOM   73  N N9    . DA  A 1 4 ? 2.490   -4.323  0.691   1.00 32.38 ? 4   DA  A N9    1 
ATOM   74  C C8    . DA  A 1 4 ? 3.812   -4.350  0.332   1.00 31.98 ? 4   DA  A C8    1 
ATOM   75  N N7    . DA  A 1 4 ? 4.622   -3.925  1.268   1.00 37.62 ? 4   DA  A N7    1 
ATOM   76  C C5    . DA  A 1 4 ? 3.776   -3.589  2.314   1.00 28.72 ? 4   DA  A C5    1 
ATOM   77  C C6    . DA  A 1 4 ? 4.020   -3.079  3.599   1.00 41.30 ? 4   DA  A C6    1 
ATOM   78  N N6    . DA  A 1 4 ? 5.239   -2.816  4.066   1.00 41.01 ? 4   DA  A N6    1 
ATOM   79  N N1    . DA  A 1 4 ? 2.956   -2.847  4.396   1.00 38.95 ? 4   DA  A N1    1 
ATOM   80  C C2    . DA  A 1 4 ? 1.732   -3.119  3.920   1.00 34.60 ? 4   DA  A C2    1 
ATOM   81  N N3    . DA  A 1 4 ? 1.377   -3.605  2.733   1.00 30.92 ? 4   DA  A N3    1 
ATOM   82  C C4    . DA  A 1 4 ? 2.459   -3.822  1.969   1.00 29.14 ? 4   DA  A C4    1 
ATOM   83  P P     . DG  A 1 5 ? 1.930   -2.967  -4.669  1.00 39.37 ? 5   DG  A P     1 
ATOM   84  O OP1   . DG  A 1 5 ? 1.172   -3.006  -5.947  1.00 41.09 ? 5   DG  A OP1   1 
ATOM   85  O OP2   . DG  A 1 5 ? 3.363   -3.354  -4.653  1.00 37.12 ? 5   DG  A OP2   1 
ATOM   86  O "O5'" . DG  A 1 5 ? 1.825   -1.503  -4.054  1.00 41.98 ? 5   DG  A "O5'" 1 
ATOM   87  C "C5'" . DG  A 1 5 ? 2.328   -0.375  -4.768  1.00 41.96 ? 5   DG  A "C5'" 1 
ATOM   88  C "C4'" . DG  A 1 5 ? 1.788   0.901   -4.168  1.00 34.99 ? 5   DG  A "C4'" 1 
ATOM   89  O "O4'" . DG  A 1 5 ? 2.254   1.062   -2.806  1.00 31.84 ? 5   DG  A "O4'" 1 
ATOM   90  C "C3'" . DG  A 1 5 ? 2.183   2.191   -4.895  1.00 30.13 ? 5   DG  A "C3'" 1 
ATOM   91  O "O3'" . DG  A 1 5 ? 1.048   3.053   -4.895  1.00 38.87 ? 5   DG  A "O3'" 1 
ATOM   92  C "C2'" . DG  A 1 5 ? 3.220   2.799   -3.971  1.00 37.46 ? 5   DG  A "C2'" 1 
ATOM   93  C "C1'" . DG  A 1 5 ? 2.610   2.419   -2.648  1.00 30.99 ? 5   DG  A "C1'" 1 
ATOM   94  N N9    . DG  A 1 5 ? 3.480   2.535   -1.485  1.00 38.39 ? 5   DG  A N9    1 
ATOM   95  C C8    . DG  A 1 5 ? 4.841   2.361   -1.421  1.00 25.58 ? 5   DG  A C8    1 
ATOM   96  N N7    . DG  A 1 5 ? 5.321   2.543   -0.222  1.00 35.02 ? 5   DG  A N7    1 
ATOM   97  C C5    . DG  A 1 5 ? 4.208   2.852   0.549   1.00 27.74 ? 5   DG  A C5    1 
ATOM   98  C C6    . DG  A 1 5 ? 4.099   3.147   1.935   1.00 26.94 ? 5   DG  A C6    1 
ATOM   99  O O6    . DG  A 1 5 ? 4.995   3.196   2.778   1.00 28.70 ? 5   DG  A O6    1 
ATOM   100 N N1    . DG  A 1 5 ? 2.781   3.400   2.302   1.00 26.42 ? 5   DG  A N1    1 
ATOM   101 C C2    . DG  A 1 5 ? 1.702   3.368   1.444   1.00 29.16 ? 5   DG  A C2    1 
ATOM   102 N N2    . DG  A 1 5 ? 0.500   3.624   1.972   1.00 28.76 ? 5   DG  A N2    1 
ATOM   103 N N3    . DG  A 1 5 ? 1.796   3.098   0.154   1.00 30.24 ? 5   DG  A N3    1 
ATOM   104 C C4    . DG  A 1 5 ? 3.068   2.851   -0.219  1.00 24.85 ? 5   DG  A C4    1 
ATOM   105 P P     . DA  A 1 6 ? 0.632   3.826   -6.233  1.00 42.20 ? 6   DA  A P     1 
ATOM   106 O OP1   . DA  A 1 6 ? 0.972   2.979   -7.397  1.00 53.27 ? 6   DA  A OP1   1 
ATOM   107 O OP2   . DA  A 1 6 ? 1.194   5.192   -6.130  1.00 51.14 ? 6   DA  A OP2   1 
ATOM   108 O "O5'" . DA  A 1 6 ? -0.945  3.929   -6.105  1.00 46.84 ? 6   DA  A "O5'" 1 
ATOM   109 C "C5'" . DA  A 1 6 ? -1.519  4.726   -5.087  1.00 40.44 ? 6   DA  A "C5'" 1 
ATOM   110 C "C4'" . DA  A 1 6 ? -2.945  5.064   -5.440  1.00 36.99 ? 6   DA  A "C4'" 1 
ATOM   111 O "O4'" . DA  A 1 6 ? -3.309  6.187   -4.612  1.00 32.88 ? 6   DA  A "O4'" 1 
ATOM   112 C "C3'" . DA  A 1 6 ? -3.113  5.588   -6.861  1.00 36.88 ? 6   DA  A "C3'" 1 
ATOM   113 O "O3'" . DA  A 1 6 ? -4.504  5.595   -7.196  1.00 40.52 ? 6   DA  A "O3'" 1 
ATOM   114 C "C2'" . DA  A 1 6 ? -2.603  7.009   -6.733  1.00 30.18 ? 6   DA  A "C2'" 1 
ATOM   115 C "C1'" . DA  A 1 6 ? -3.093  7.397   -5.338  1.00 38.89 ? 6   DA  A "C1'" 1 
ATOM   116 N N9    . DA  A 1 6 ? -2.154  8.207   -4.569  1.00 30.03 ? 6   DA  A N9    1 
ATOM   117 C C8    . DA  A 1 6 ? -0.782  8.241   -4.619  1.00 25.69 ? 6   DA  A C8    1 
ATOM   118 N N7    . DA  A 1 6 ? -0.246  9.084   -3.771  1.00 35.78 ? 6   DA  A N7    1 
ATOM   119 C C5    . DA  A 1 6 ? -1.338  9.643   -3.122  1.00 23.71 ? 6   DA  A C5    1 
ATOM   120 C C6    . DA  A 1 6 ? -1.445  10.605  -2.108  1.00 30.56 ? 6   DA  A C6    1 
ATOM   121 N N6    . DA  A 1 6 ? -0.401  11.205  -1.534  1.00 32.35 ? 6   DA  A N6    1 
ATOM   122 N N1    . DA  A 1 6 ? -2.684  10.936  -1.693  1.00 27.12 ? 6   DA  A N1    1 
ATOM   123 C C2    . DA  A 1 6 ? -3.737  10.334  -2.260  1.00 31.94 ? 6   DA  A C2    1 
ATOM   124 N N3    . DA  A 1 6 ? -3.765  9.415   -3.216  1.00 27.34 ? 6   DA  A N3    1 
ATOM   125 C C4    . DA  A 1 6 ? -2.517  9.113   -3.608  1.00 35.70 ? 6   DA  A C4    1 
ATOM   126 P P     . DG  A 1 7 ? -4.973  6.071   -8.658  1.00 39.90 ? 7   DG  A P     1 
ATOM   127 O OP1   . DG  A 1 7 ? -6.259  5.389   -8.962  1.00 43.31 ? 7   DG  A OP1   1 
ATOM   128 O OP2   . DG  A 1 7 ? -3.817  5.910   -9.577  1.00 37.40 ? 7   DG  A OP2   1 
ATOM   129 O "O5'" . DG  A 1 7 ? -5.256  7.625   -8.463  1.00 36.48 ? 7   DG  A "O5'" 1 
ATOM   130 C "C5'" . DG  A 1 7 ? -6.111  8.080   -7.419  1.00 39.93 ? 7   DG  A "C5'" 1 
ATOM   131 C "C4'" . DG  A 1 7 ? -5.958  9.570   -7.227  1.00 42.04 ? 7   DG  A "C4'" 1 
ATOM   132 O "O4'" . DG  A 1 7 ? -4.685  9.888   -6.621  1.00 42.93 ? 7   DG  A "O4'" 1 
ATOM   133 C "C3'" . DG  A 1 7 ? -6.046  10.416  -8.501  1.00 47.88 ? 7   DG  A "C3'" 1 
ATOM   134 O "O3'" . DG  A 1 7 ? -6.903  11.535  -8.265  1.00 51.00 ? 7   DG  A "O3'" 1 
ATOM   135 C "C2'" . DG  A 1 7 ? -4.619  10.894  -8.715  1.00 42.13 ? 7   DG  A "C2'" 1 
ATOM   136 C "C1'" . DG  A 1 7 ? -4.136  11.013  -7.286  1.00 40.00 ? 7   DG  A "C1'" 1 
ATOM   137 N N9    . DG  A 1 7 ? -2.687  10.977  -7.099  1.00 36.13 ? 7   DG  A N9    1 
ATOM   138 C C8    . DG  A 1 7 ? -1.759  10.288  -7.843  1.00 28.26 ? 7   DG  A C8    1 
ATOM   139 N N7    . DG  A 1 7 ? -0.539  10.436  -7.401  1.00 26.73 ? 7   DG  A N7    1 
ATOM   140 C C5    . DG  A 1 7 ? -0.670  11.281  -6.306  1.00 35.25 ? 7   DG  A C5    1 
ATOM   141 C C6    . DG  A 1 7 ? 0.310   11.802  -5.414  1.00 29.54 ? 7   DG  A C6    1 
ATOM   142 O O6    . DG  A 1 7 ? 1.530   11.621  -5.417  1.00 32.55 ? 7   DG  A O6    1 
ATOM   143 N N1    . DG  A 1 7 ? -0.261  12.612  -4.442  1.00 29.34 ? 7   DG  A N1    1 
ATOM   144 C C2    . DG  A 1 7 ? -1.598  12.895  -4.336  1.00 32.34 ? 7   DG  A C2    1 
ATOM   145 N N2    . DG  A 1 7 ? -1.954  13.701  -3.327  1.00 35.44 ? 7   DG  A N2    1 
ATOM   146 N N3    . DG  A 1 7 ? -2.520  12.423  -5.158  1.00 39.42 ? 7   DG  A N3    1 
ATOM   147 C C4    . DG  A 1 7 ? -1.989  11.629  -6.110  1.00 34.58 ? 7   DG  A C4    1 
ATOM   148 P P     . DC  A 1 8 ? -7.561  12.312  -9.505  1.00 46.29 ? 8   DC  A P     1 
ATOM   149 O OP1   . DC  A 1 8 ? -8.987  11.984  -9.531  1.00 56.44 ? 8   DC  A OP1   1 
ATOM   150 O OP2   . DC  A 1 8 ? -6.741  12.044  -10.707 1.00 43.48 ? 8   DC  A OP2   1 
ATOM   151 O "O5'" . DC  A 1 8 ? -7.438  13.844  -9.095  1.00 45.72 ? 8   DC  A "O5'" 1 
ATOM   152 C "C5'" . DC  A 1 8 ? -8.048  14.323  -7.901  1.00 37.53 ? 8   DC  A "C5'" 1 
ATOM   153 C "C4'" . DC  A 1 8 ? -7.149  15.328  -7.217  1.00 39.63 ? 8   DC  A "C4'" 1 
ATOM   154 O "O4'" . DC  A 1 8 ? -5.903  14.733  -6.813  1.00 42.08 ? 8   DC  A "O4'" 1 
ATOM   155 C "C3'" . DC  A 1 8 ? -6.725  16.530  -8.050  1.00 45.94 ? 8   DC  A "C3'" 1 
ATOM   156 O "O3'" . DC  A 1 8 ? -7.756  17.512  -8.152  1.00 55.54 ? 8   DC  A "O3'" 1 
ATOM   157 C "C2'" . DC  A 1 8 ? -5.486  17.024  -7.321  1.00 45.34 ? 8   DC  A "C2'" 1 
ATOM   158 C "C1'" . DC  A 1 8 ? -4.999  15.800  -6.535  1.00 43.91 ? 8   DC  A "C1'" 1 
ATOM   159 N N1    . DC  A 1 8 ? -3.643  15.364  -6.903  1.00 36.51 ? 8   DC  A N1    1 
ATOM   160 C C2    . DC  A 1 8 ? -2.579  15.738  -6.087  1.00 38.11 ? 8   DC  A C2    1 
ATOM   161 O O2    . DC  A 1 8 ? -2.815  16.416  -5.078  1.00 40.60 ? 8   DC  A O2    1 
ATOM   162 N N3    . DC  A 1 8 ? -1.324  15.353  -6.415  1.00 34.19 ? 8   DC  A N3    1 
ATOM   163 C C4    . DC  A 1 8 ? -1.116  14.622  -7.511  1.00 36.51 ? 8   DC  A C4    1 
ATOM   164 N N4    . DC  A 1 8 ? 0.138   14.269  -7.797  1.00 34.78 ? 8   DC  A N4    1 
ATOM   165 C C5    . DC  A 1 8 ? -2.187  14.220  -8.361  1.00 37.34 ? 8   DC  A C5    1 
ATOM   166 C C6    . DC  A 1 8 ? -3.424  14.610  -8.023  1.00 33.11 ? 8   DC  A C6    1 
ATOM   167 O "O5'" . DG  B 1 1 ? 7.471   18.410  -1.633  1.00 49.43 ? 9   DG  B "O5'" 1 
ATOM   168 C "C5'" . DG  B 1 1 ? 6.594   19.525  -1.508  1.00 36.40 ? 9   DG  B "C5'" 1 
ATOM   169 C "C4'" . DG  B 1 1 ? 5.427   19.238  -0.593  1.00 38.10 ? 9   DG  B "C4'" 1 
ATOM   170 O "O4'" . DG  B 1 1 ? 4.278   18.778  -1.341  1.00 34.65 ? 9   DG  B "O4'" 1 
ATOM   171 C "C3'" . DG  B 1 1 ? 5.672   18.189  0.488   1.00 32.22 ? 9   DG  B "C3'" 1 
ATOM   172 O "O3'" . DG  B 1 1 ? 4.945   18.553  1.666   1.00 36.15 ? 9   DG  B "O3'" 1 
ATOM   173 C "C2'" . DG  B 1 1 ? 5.130   16.915  -0.138  1.00 32.15 ? 9   DG  B "C2'" 1 
ATOM   174 C "C1'" . DG  B 1 1 ? 4.005   17.412  -1.047  1.00 37.95 ? 9   DG  B "C1'" 1 
ATOM   175 N N9    . DG  B 1 1 ? 3.895   16.708  -2.323  1.00 33.00 ? 9   DG  B N9    1 
ATOM   176 C C8    . DG  B 1 1 ? 4.915   16.165  -3.063  1.00 39.23 ? 9   DG  B C8    1 
ATOM   177 N N7    . DG  B 1 1 ? 4.509   15.635  -4.186  1.00 37.65 ? 9   DG  B N7    1 
ATOM   178 C C5    . DG  B 1 1 ? 3.137   15.827  -4.178  1.00 36.09 ? 9   DG  B C5    1 
ATOM   179 C C6    . DG  B 1 1 ? 2.154   15.462  -5.134  1.00 32.56 ? 9   DG  B C6    1 
ATOM   180 O O6    . DG  B 1 1 ? 2.308   14.882  -6.205  1.00 32.92 ? 9   DG  B O6    1 
ATOM   181 N N1    . DG  B 1 1 ? 0.881   15.848  -4.733  1.00 34.76 ? 9   DG  B N1    1 
ATOM   182 C C2    . DG  B 1 1 ? 0.591   16.505  -3.559  1.00 35.81 ? 9   DG  B C2    1 
ATOM   183 N N2    . DG  B 1 1 ? -0.704  16.807  -3.346  1.00 35.58 ? 9   DG  B N2    1 
ATOM   184 N N3    . DG  B 1 1 ? 1.500   16.847  -2.658  1.00 32.75 ? 9   DG  B N3    1 
ATOM   185 C C4    . DG  B 1 1 ? 2.739   16.481  -3.031  1.00 26.31 ? 9   DG  B C4    1 
HETATM 186 P P     . C38 B 1 2 ? 4.996   17.613  2.971   1.00 41.87 ? 10  C38 B P     1 
HETATM 187 O O1P   . C38 B 1 2 ? 6.102   16.634  2.807   1.00 37.75 ? 10  C38 B O1P   1 
HETATM 188 O O2P   . C38 B 1 2 ? 4.964   18.496  4.167   1.00 40.62 ? 10  C38 B O2P   1 
HETATM 189 O "O5'" . C38 B 1 2 ? 3.609   16.840  2.898   1.00 43.03 ? 10  C38 B "O5'" 1 
HETATM 190 C "C5'" . C38 B 1 2 ? 2.392   17.570  2.810   1.00 32.25 ? 10  C38 B "C5'" 1 
HETATM 191 C "C4'" . C38 B 1 2 ? 1.252   16.639  2.481   1.00 33.42 ? 10  C38 B "C4'" 1 
HETATM 192 O "O4'" . C38 B 1 2 ? 1.394   16.137  1.131   1.00 37.82 ? 10  C38 B "O4'" 1 
HETATM 193 C "C3'" . C38 B 1 2 ? 1.126   15.405  3.379   1.00 36.99 ? 10  C38 B "C3'" 1 
HETATM 194 O "O3'" . C38 B 1 2 ? -0.255  15.235  3.714   1.00 41.28 ? 10  C38 B "O3'" 1 
HETATM 195 C "C2'" . C38 B 1 2 ? 1.610   14.270  2.491   1.00 33.63 ? 10  C38 B "C2'" 1 
HETATM 196 C "C1'" . C38 B 1 2 ? 1.123   14.749  1.140   1.00 40.99 ? 10  C38 B "C1'" 1 
HETATM 197 N N1    . C38 B 1 2 ? 1.763   14.161  -0.043  1.00 33.05 ? 10  C38 B N1    1 
HETATM 198 C C2    . C38 B 1 2 ? 0.983   13.945  -1.183  1.00 34.28 ? 10  C38 B C2    1 
HETATM 199 O O2    . C38 B 1 2 ? -0.215  14.247  -1.144  1.00 31.43 ? 10  C38 B O2    1 
HETATM 200 N N3    . C38 B 1 2 ? 1.554   13.417  -2.291  1.00 33.25 ? 10  C38 B N3    1 
HETATM 201 C C4    . C38 B 1 2 ? 2.848   13.111  -2.285  1.00 30.35 ? 10  C38 B C4    1 
HETATM 202 N N4    . C38 B 1 2 ? 3.361   12.560  -3.385  1.00 27.42 ? 10  C38 B N4    1 
HETATM 203 C C5    . C38 B 1 2 ? 3.668   13.341  -1.141  1.00 33.40 ? 10  C38 B C5    1 
HETATM 204 C C6    . C38 B 1 2 ? 3.088   13.843  -0.046  1.00 32.39 ? 10  C38 B C6    1 
HETATM 205 I I     . C38 B 1 2 ? 5.804   13.097  -1.239  1.00 39.38 ? 10  C38 B I     1 
ATOM   206 P P     . DG  B 1 3 ? -0.690  14.124  4.786   1.00 42.58 ? 11  DG  B P     1 
ATOM   207 O OP1   . DG  B 1 3 ? -2.008  14.519  5.332   1.00 49.41 ? 11  DG  B OP1   1 
ATOM   208 O OP2   . DG  B 1 3 ? 0.448   13.891  5.701   1.00 38.23 ? 11  DG  B OP2   1 
ATOM   209 O "O5'" . DG  B 1 3 ? -0.904  12.814  3.910   1.00 44.17 ? 11  DG  B "O5'" 1 
ATOM   210 C "C5'" . DG  B 1 3 ? -1.825  12.817  2.824   1.00 37.02 ? 11  DG  B "C5'" 1 
ATOM   211 C "C4'" . DG  B 1 3 ? -1.632  11.586  1.972   1.00 34.15 ? 11  DG  B "C4'" 1 
ATOM   212 O "O4'" . DG  B 1 3 ? -0.293  11.563  1.416   1.00 41.34 ? 11  DG  B "O4'" 1 
ATOM   213 C "C3'" . DG  B 1 3 ? -1.801  10.251  2.702   1.00 29.18 ? 11  DG  B "C3'" 1 
ATOM   214 O "O3'" . DG  B 1 3 ? -2.442  9.345   1.813   1.00 33.80 ? 11  DG  B "O3'" 1 
ATOM   215 C "C2'" . DG  B 1 3 ? -0.371  9.791   2.900   1.00 29.26 ? 11  DG  B "C2'" 1 
ATOM   216 C "C1'" . DG  B 1 3 ? 0.221   10.260  1.591   1.00 35.07 ? 11  DG  B "C1'" 1 
ATOM   217 N N9    . DG  B 1 3 ? 1.673   10.321  1.555   1.00 30.89 ? 11  DG  B N9    1 
ATOM   218 C C8    . DG  B 1 3 ? 2.522   10.636  2.588   1.00 31.63 ? 11  DG  B C8    1 
ATOM   219 N N7    . DG  B 1 3 ? 3.780   10.529  2.267   1.00 30.40 ? 11  DG  B N7    1 
ATOM   220 C C5    . DG  B 1 3 ? 3.760   10.135  0.939   1.00 33.17 ? 11  DG  B C5    1 
ATOM   221 C C6    . DG  B 1 3 ? 4.822   9.845   0.062   1.00 28.43 ? 11  DG  B C6    1 
ATOM   222 O O6    . DG  B 1 3 ? 6.028   9.846   0.298   1.00 31.16 ? 11  DG  B O6    1 
ATOM   223 N N1    . DG  B 1 3 ? 4.364   9.509   -1.204  1.00 26.05 ? 11  DG  B N1    1 
ATOM   224 C C2    . DG  B 1 3 ? 3.041   9.439   -1.575  1.00 28.81 ? 11  DG  B C2    1 
ATOM   225 N N2    . DG  B 1 3 ? 2.802   9.097   -2.854  1.00 26.27 ? 11  DG  B N2    1 
ATOM   226 N N3    . DG  B 1 3 ? 2.032   9.685   -0.754  1.00 27.00 ? 11  DG  B N3    1 
ATOM   227 C C4    . DG  B 1 3 ? 2.464   10.028  0.479   1.00 28.98 ? 11  DG  B C4    1 
ATOM   228 P P     . DA  B 1 4 ? -3.060  7.979   2.369   1.00 35.47 ? 12  DA  B P     1 
ATOM   229 O OP1   . DA  B 1 4 ? -4.522  8.179   2.502   1.00 38.46 ? 12  DA  B OP1   1 
ATOM   230 O OP2   . DA  B 1 4 ? -2.265  7.549   3.537   1.00 38.48 ? 12  DA  B OP2   1 
ATOM   231 O "O5'" . DA  B 1 4 ? -2.812  6.975   1.161   1.00 38.17 ? 12  DA  B "O5'" 1 
ATOM   232 C "C5'" . DA  B 1 4 ? -3.170  7.352   -0.174  1.00 33.36 ? 12  DA  B "C5'" 1 
ATOM   233 C "C4'" . DA  B 1 4 ? -2.187  6.780   -1.167  1.00 27.53 ? 12  DA  B "C4'" 1 
ATOM   234 O "O4'" . DA  B 1 4 ? -0.920  7.472   -1.147  1.00 27.48 ? 12  DA  B "O4'" 1 
ATOM   235 C "C3'" . DA  B 1 4 ? -1.837  5.332   -0.881  1.00 34.47 ? 12  DA  B "C3'" 1 
ATOM   236 O "O3'" . DA  B 1 4 ? -2.860  4.485   -1.395  1.00 33.99 ? 12  DA  B "O3'" 1 
ATOM   237 C "C2'" . DA  B 1 4 ? -0.507  5.177   -1.593  1.00 29.80 ? 12  DA  B "C2'" 1 
ATOM   238 C "C1'" . DA  B 1 4 ? 0.138   6.545   -1.377  1.00 29.84 ? 12  DA  B "C1'" 1 
ATOM   239 N N9    . DA  B 1 4 ? 1.045   6.619   -0.231  1.00 30.12 ? 12  DA  B N9    1 
ATOM   240 C C8    . DA  B 1 4 ? 0.720   6.868   1.075   1.00 23.38 ? 12  DA  B C8    1 
ATOM   241 N N7    . DA  B 1 4 ? 1.751   6.903   1.882   1.00 27.98 ? 12  DA  B N7    1 
ATOM   242 C C5    . DA  B 1 4 ? 2.831   6.647   1.052   1.00 26.73 ? 12  DA  B C5    1 
ATOM   243 C C6    . DA  B 1 4 ? 4.208   6.542   1.303   1.00 27.29 ? 12  DA  B C6    1 
ATOM   244 N N6    . DA  B 1 4 ? 4.759   6.686   2.509   1.00 31.02 ? 12  DA  B N6    1 
ATOM   245 N N1    . DA  B 1 4 ? 5.015   6.281   0.258   1.00 33.38 ? 12  DA  B N1    1 
ATOM   246 C C2    . DA  B 1 4 ? 4.463   6.136   -0.958  1.00 30.96 ? 12  DA  B C2    1 
ATOM   247 N N3    . DA  B 1 4 ? 3.181   6.205   -1.319  1.00 36.49 ? 12  DA  B N3    1 
ATOM   248 C C4    . DA  B 1 4 ? 2.409   6.467   -0.253  1.00 26.42 ? 12  DA  B C4    1 
ATOM   249 P P     . DG  B 1 5 ? -3.088  3.043   -0.739  1.00 33.97 ? 13  DG  B P     1 
ATOM   250 O OP1   . DG  B 1 5 ? -4.314  2.437   -1.314  1.00 37.27 ? 13  DG  B OP1   1 
ATOM   251 O OP2   . DG  B 1 5 ? -2.974  3.212   0.724   1.00 38.20 ? 13  DG  B OP2   1 
ATOM   252 O "O5'" . DG  B 1 5 ? -1.837  2.227   -1.271  1.00 42.30 ? 13  DG  B "O5'" 1 
ATOM   253 C "C5'" . DG  B 1 5 ? -0.849  1.749   -0.394  1.00 34.71 ? 13  DG  B "C5'" 1 
ATOM   254 C "C4'" . DG  B 1 5 ? -0.655  0.273   -0.629  1.00 34.85 ? 13  DG  B "C4'" 1 
ATOM   255 O "O4'" . DG  B 1 5 ? 0.439   -0.185  0.186   1.00 31.60 ? 13  DG  B "O4'" 1 
ATOM   256 C "C3'" . DG  B 1 5 ? -1.854  -0.572  -0.207  1.00 28.06 ? 13  DG  B "C3'" 1 
ATOM   257 O "O3'" . DG  B 1 5 ? -1.869  -1.811  -0.925  1.00 40.73 ? 13  DG  B "O3'" 1 
ATOM   258 C "C2'" . DG  B 1 5 ? -1.585  -0.807  1.267   1.00 36.13 ? 13  DG  B "C2'" 1 
ATOM   259 C "C1'" . DG  B 1 5 ? -0.059  -0.867  1.331   1.00 33.37 ? 13  DG  B "C1'" 1 
ATOM   260 N N9    . DG  B 1 5 ? 0.537   -0.246  2.507   1.00 31.32 ? 13  DG  B N9    1 
ATOM   261 C C8    . DG  B 1 5 ? -0.113  0.244   3.617   1.00 37.68 ? 13  DG  B C8    1 
ATOM   262 N N7    . DG  B 1 5 ? 0.702   0.694   4.528   1.00 38.40 ? 13  DG  B N7    1 
ATOM   263 C C5    . DG  B 1 5 ? 1.968   0.497   3.988   1.00 39.49 ? 13  DG  B C5    1 
ATOM   264 C C6    . DG  B 1 5 ? 3.251   0.765   4.529   1.00 32.96 ? 13  DG  B C6    1 
ATOM   265 O O6    . DG  B 1 5 ? 3.540   1.227   5.633   1.00 35.56 ? 13  DG  B O6    1 
ATOM   266 N N1    . DG  B 1 5 ? 4.260   0.423   3.637   1.00 34.76 ? 13  DG  B N1    1 
ATOM   267 C C2    . DG  B 1 5 ? 4.064   -0.114  2.391   1.00 30.93 ? 13  DG  B C2    1 
ATOM   268 N N2    . DG  B 1 5 ? 5.164   -0.357  1.670   1.00 28.46 ? 13  DG  B N2    1 
ATOM   269 N N3    . DG  B 1 5 ? 2.876   -0.387  1.886   1.00 35.49 ? 13  DG  B N3    1 
ATOM   270 C C4    . DG  B 1 5 ? 1.877   -0.059  2.735   1.00 29.49 ? 13  DG  B C4    1 
ATOM   271 P P     . DA  B 1 6 ? -3.226  -2.674  -1.008  1.00 40.54 ? 14  DA  B P     1 
ATOM   272 O OP1   . DA  B 1 6 ? -4.404  -1.780  -0.909  1.00 49.51 ? 14  DA  B OP1   1 
ATOM   273 O OP2   . DA  B 1 6 ? -3.074  -3.789  -0.041  1.00 44.19 ? 14  DA  B OP2   1 
ATOM   274 O "O5'" . DA  B 1 6 ? -3.183  -3.284  -2.474  1.00 39.69 ? 14  DA  B "O5'" 1 
ATOM   275 C "C5'" . DA  B 1 6 ? -2.147  -4.176  -2.841  1.00 38.24 ? 14  DA  B "C5'" 1 
ATOM   276 C "C4'" . DA  B 1 6 ? -2.442  -4.805  -4.182  1.00 31.33 ? 14  DA  B "C4'" 1 
ATOM   277 O "O4'" . DA  B 1 6 ? -1.588  -5.962  -4.265  1.00 33.38 ? 14  DA  B "O4'" 1 
ATOM   278 C "C3'" . DA  B 1 6 ? -3.840  -5.397  -4.312  1.00 33.86 ? 14  DA  B "C3'" 1 
ATOM   279 O "O3'" . DA  B 1 6 ? -4.085  -5.723  -5.688  1.00 37.55 ? 14  DA  B "O3'" 1 
ATOM   280 C "C2'" . DA  B 1 6 ? -3.726  -6.657  -3.475  1.00 32.12 ? 14  DA  B "C2'" 1 
ATOM   281 C "C1'" . DA  B 1 6 ? -2.266  -7.074  -3.671  1.00 32.80 ? 14  DA  B "C1'" 1 
ATOM   282 N N9    . DA  B 1 6 ? -1.563  -7.417  -2.437  1.00 41.38 ? 14  DA  B N9    1 
ATOM   283 C C8    . DA  B 1 6 ? -1.769  -6.922  -1.171  1.00 29.81 ? 14  DA  B C8    1 
ATOM   284 N N7    . DA  B 1 6 ? -0.951  -7.412  -0.271  1.00 30.66 ? 14  DA  B N7    1 
ATOM   285 C C5    . DA  B 1 6 ? -0.158  -8.295  -0.990  1.00 40.04 ? 14  DA  B C5    1 
ATOM   286 C C6    . DA  B 1 6 ? 0.907   -9.128  -0.613  1.00 32.27 ? 14  DA  B C6    1 
ATOM   287 N N6    . DA  B 1 6 ? 1.374   -9.215  0.634   1.00 40.50 ? 14  DA  B N6    1 
ATOM   288 N N1    . DA  B 1 6 ? 1.484   -9.881  -1.574  1.00 42.45 ? 14  DA  B N1    1 
ATOM   289 C C2    . DA  B 1 6 ? 1.015   -9.795  -2.826  1.00 31.26 ? 14  DA  B C2    1 
ATOM   290 N N3    . DA  B 1 6 ? 0.024   -9.048  -3.304  1.00 38.05 ? 14  DA  B N3    1 
ATOM   291 C C4    . DA  B 1 6 ? -0.528  -8.312  -2.322  1.00 37.56 ? 14  DA  B C4    1 
ATOM   292 P P     . DG  B 1 7 ? -5.455  -6.457  -6.118  1.00 40.80 ? 15  DG  B P     1 
ATOM   293 O OP1   . DG  B 1 7 ? -5.545  -6.397  -7.597  1.00 47.24 ? 15  DG  B OP1   1 
ATOM   294 O OP2   . DG  B 1 7 ? -6.560  -5.915  -5.299  1.00 37.13 ? 15  DG  B OP2   1 
ATOM   295 O "O5'" . DG  B 1 7 ? -5.223  -7.977  -5.709  1.00 34.30 ? 15  DG  B "O5'" 1 
ATOM   296 C "C5'" . DG  B 1 7 ? -4.167  -8.730  -6.302  1.00 39.89 ? 15  DG  B "C5'" 1 
ATOM   297 C "C4'" . DG  B 1 7 ? -3.915  -9.995  -5.512  1.00 43.49 ? 15  DG  B "C4'" 1 
ATOM   298 O "O4'" . DG  B 1 7 ? -3.514  -9.656  -4.173  1.00 44.19 ? 15  DG  B "O4'" 1 
ATOM   299 C "C3'" . DG  B 1 7 ? -5.119  -10.924 -5.362  1.00 45.81 ? 15  DG  B "C3'" 1 
ATOM   300 O "O3'" . DG  B 1 7 ? -4.951  -12.041 -6.238  1.00 43.26 ? 15  DG  B "O3'" 1 
ATOM   301 C "C2'" . DG  B 1 7 ? -5.109  -11.353 -3.897  1.00 40.05 ? 15  DG  B "C2'" 1 
ATOM   302 C "C1'" . DG  B 1 7 ? -3.846  -10.731 -3.316  1.00 46.61 ? 15  DG  B "C1'" 1 
ATOM   303 N N9    . DG  B 1 7 ? -3.998  -10.187 -1.966  1.00 36.47 ? 15  DG  B N9    1 
ATOM   304 C C8    . DG  B 1 7 ? -4.980  -9.338  -1.523  1.00 30.89 ? 15  DG  B C8    1 
ATOM   305 N N7    . DG  B 1 7 ? -4.835  -8.999  -0.270  1.00 28.37 ? 15  DG  B N7    1 
ATOM   306 C C5    . DG  B 1 7 ? -3.692  -9.670  0.136   1.00 29.99 ? 15  DG  B C5    1 
ATOM   307 C C6    . DG  B 1 7 ? -3.037  -9.692  1.397   1.00 36.18 ? 15  DG  B C6    1 
ATOM   308 O O6    . DG  B 1 7 ? -3.345  -9.092  2.439   1.00 37.85 ? 15  DG  B O6    1 
ATOM   309 N N1    . DG  B 1 7 ? -1.916  -10.516 1.375   1.00 28.34 ? 15  DG  B N1    1 
ATOM   310 C C2    . DG  B 1 7 ? -1.480  -11.223 0.285   1.00 33.39 ? 15  DG  B C2    1 
ATOM   311 N N2    . DG  B 1 7 ? -0.380  -11.967 0.467   1.00 38.03 ? 15  DG  B N2    1 
ATOM   312 N N3    . DG  B 1 7 ? -2.076  -11.205 -0.895  1.00 39.07 ? 15  DG  B N3    1 
ATOM   313 C C4    . DG  B 1 7 ? -3.168  -10.416 -0.897  1.00 34.00 ? 15  DG  B C4    1 
ATOM   314 P P     . DC  B 1 8 ? -6.002  -13.253 -6.206  1.00 42.57 ? 16  DC  B P     1 
ATOM   315 O OP1   . DC  B 1 8 ? -5.970  -13.914 -7.532  1.00 45.06 ? 16  DC  B OP1   1 
ATOM   316 O OP2   . DC  B 1 8 ? -7.289  -12.728 -5.686  1.00 37.17 ? 16  DC  B OP2   1 
ATOM   317 O "O5'" . DC  B 1 8 ? -5.380  -14.260 -5.139  1.00 39.93 ? 16  DC  B "O5'" 1 
ATOM   318 C "C5'" . DC  B 1 8 ? -4.129  -14.898 -5.391  1.00 40.31 ? 16  DC  B "C5'" 1 
ATOM   319 C "C4'" . DC  B 1 8 ? -3.610  -15.559 -4.136  1.00 40.20 ? 16  DC  B "C4'" 1 
ATOM   320 O "O4'" . DC  B 1 8 ? -3.312  -14.581 -3.123  1.00 42.96 ? 16  DC  B "O4'" 1 
ATOM   321 C "C3'" . DC  B 1 8 ? -4.577  -16.514 -3.453  1.00 40.62 ? 16  DC  B "C3'" 1 
ATOM   322 O "O3'" . DC  B 1 8 ? -4.729  -17.751 -4.144  1.00 41.68 ? 16  DC  B "O3'" 1 
ATOM   323 C "C2'" . DC  B 1 8 ? -4.013  -16.593 -2.045  1.00 34.36 ? 16  DC  B "C2'" 1 
ATOM   324 C "C1'" . DC  B 1 8 ? -3.291  -15.249 -1.865  1.00 40.16 ? 16  DC  B "C1'" 1 
ATOM   325 N N1    . DC  B 1 8 ? -3.908  -14.364 -0.868  1.00 34.23 ? 16  DC  B N1    1 
ATOM   326 C C2    . DC  B 1 8 ? -3.275  -14.205 0.363   1.00 31.40 ? 16  DC  B C2    1 
ATOM   327 O O2    . DC  B 1 8 ? -2.211  -14.804 0.566   1.00 33.16 ? 16  DC  B O2    1 
ATOM   328 N N3    . DC  B 1 8 ? -3.831  -13.404 1.296   1.00 35.60 ? 16  DC  B N3    1 
ATOM   329 C C4    . DC  B 1 8 ? -4.976  -12.771 1.033   1.00 30.55 ? 16  DC  B C4    1 
ATOM   330 N N4    . DC  B 1 8 ? -5.490  -11.983 1.987   1.00 28.95 ? 16  DC  B N4    1 
ATOM   331 C C5    . DC  B 1 8 ? -5.647  -12.914 -0.217  1.00 32.45 ? 16  DC  B C5    1 
ATOM   332 C C6    . DC  B 1 8 ? -5.081  -13.712 -1.131  1.00 36.38 ? 16  DC  B C6    1 
HETATM 333 K K     . K   C 2 . ? 5.163   3.606   5.416   0.50 29.35 ? 104 K   A K     1 
HETATM 334 O O     . HOH D 3 . ? -4.193  18.115  -3.579  1.00 43.71 ? 17  HOH A O     1 
HETATM 335 O O     . HOH D 3 . ? 3.402   -5.770  8.397   1.00 35.37 ? 20  HOH A O     1 
HETATM 336 O O     . HOH D 3 . ? -3.751  -7.096  7.541   1.00 48.42 ? 21  HOH A O     1 
HETATM 337 O O     . HOH D 3 . ? 3.010   -0.980  -1.082  1.00 35.10 ? 22  HOH A O     1 
HETATM 338 O O     . HOH D 3 . ? 2.200   3.961   4.918   1.00 34.81 ? 25  HOH A O     1 
HETATM 339 O O     . HOH D 3 . ? -0.704  -10.824 11.187  1.00 45.35 ? 26  HOH A O     1 
HETATM 340 O O     . HOH D 3 . ? -3.717  12.847  -0.410  1.00 36.19 ? 30  HOH A O     1 
HETATM 341 O O     . HOH D 3 . ? 7.694   -5.690  4.350   1.00 43.67 ? 31  HOH A O     1 
HETATM 342 O O     . HOH D 3 . ? 5.994   -0.153  -4.644  1.00 40.84 ? 32  HOH A O     1 
HETATM 343 O O     . HOH D 3 . ? -2.274  -5.312  5.491   1.00 42.64 ? 33  HOH A O     1 
HETATM 344 O O     . HOH D 3 . ? 6.345   -6.319  6.929   1.00 49.96 ? 36  HOH A O     1 
HETATM 345 O O     . HOH D 3 . ? 0.437   -3.567  6.429   1.00 60.48 ? 39  HOH A O     1 
HETATM 346 O O     . HOH D 3 . ? 3.978   -9.237  8.285   1.00 47.00 ? 41  HOH A O     1 
HETATM 347 O O     . HOH D 3 . ? -4.203  -10.325 8.001   1.00 41.76 ? 42  HOH A O     1 
HETATM 348 O O     . HOH D 3 . ? -5.545  13.648  -4.005  1.00 40.01 ? 43  HOH A O     1 
HETATM 349 O O     . HOH D 3 . ? 2.594   9.508   -6.286  1.00 39.61 ? 46  HOH A O     1 
HETATM 350 O O     . HOH D 3 . ? -6.036  6.998   -3.936  1.00 55.24 ? 47  HOH A O     1 
HETATM 351 O O     . HOH D 3 . ? 4.645   -5.917  -6.131  1.00 53.83 ? 49  HOH A O     1 
HETATM 352 O O     . HOH D 3 . ? 2.143   -8.312  10.275  1.00 68.39 ? 51  HOH A O     1 
HETATM 353 O O     . HOH D 3 . ? 12.473  -10.197 2.854   1.00 53.82 ? 52  HOH A O     1 
HETATM 354 O O     . HOH D 3 . ? -4.594  -13.172 9.059   1.00 50.49 ? 53  HOH A O     1 
HETATM 355 O O     . HOH D 3 . ? 5.315   -13.011 13.176  1.00 52.51 ? 54  HOH A O     1 
HETATM 356 O O     . HOH D 3 . ? -2.860  8.280   -10.461 1.00 58.79 ? 55  HOH A O     1 
HETATM 357 O O     . HOH D 3 . ? -3.220  -13.836 11.499  1.00 53.19 ? 56  HOH A O     1 
HETATM 358 O O     . HOH D 3 . ? 5.241   -17.121 8.309   1.00 65.42 ? 58  HOH A O     1 
HETATM 359 O O     . HOH D 3 . ? 5.344   -16.043 13.677  1.00 61.59 ? 59  HOH A O     1 
HETATM 360 O O     . HOH D 3 . ? 5.523   -2.429  -2.123  1.00 51.37 ? 62  HOH A O     1 
HETATM 361 O O     . HOH D 3 . ? 11.209  -10.582 6.026   1.00 49.81 ? 63  HOH A O     1 
HETATM 362 O O     . HOH D 3 . ? 2.541   -8.070  -7.134  1.00 62.17 ? 66  HOH A O     1 
HETATM 363 O O     . HOH D 3 . ? -6.930  -11.769 5.159   1.00 58.08 ? 67  HOH A O     1 
HETATM 364 O O     . HOH D 3 . ? -7.357  -14.476 10.012  1.00 51.58 ? 68  HOH A O     1 
HETATM 365 O O     . HOH D 3 . ? 6.124   -9.155  -8.559  1.00 45.50 ? 69  HOH A O     1 
HETATM 366 O O     . HOH D 3 . ? -6.763  7.210   -1.168  1.00 52.65 ? 70  HOH A O     1 
HETATM 367 O O     . HOH D 3 . ? 1.765   -15.325 13.484  1.00 57.15 ? 71  HOH A O     1 
HETATM 368 O O     . HOH D 3 . ? -8.565  -13.580 6.895   1.00 58.96 ? 72  HOH A O     1 
HETATM 369 O O     . HOH D 3 . ? -4.288  -9.965  11.921  1.00 49.94 ? 74  HOH A O     1 
HETATM 370 O O     . HOH D 3 . ? -1.279  -3.895  2.434   1.00 43.91 ? 76  HOH A O     1 
HETATM 371 O O     . HOH D 3 . ? -1.061  -1.883  -6.415  1.00 50.98 ? 78  HOH A O     1 
HETATM 372 O O     . HOH D 3 . ? -9.669  -13.147 3.874   1.00 52.70 ? 79  HOH A O     1 
HETATM 373 O O     . HOH D 3 . ? -11.578 -14.882 5.106   1.00 36.29 ? 80  HOH A O     1 
HETATM 374 O O     . HOH D 3 . ? 7.903   -18.683 8.346   1.00 51.08 ? 83  HOH A O     1 
HETATM 375 O O     . HOH D 3 . ? 4.464   -11.694 -8.461  1.00 48.80 ? 85  HOH A O     1 
HETATM 376 O O     . HOH D 3 . ? 15.465  -8.483  3.188   1.00 65.65 ? 87  HOH A O     1 
HETATM 377 O O     . HOH D 3 . ? 8.156   -16.129 13.043  1.00 55.84 ? 89  HOH A O     1 
HETATM 378 O O     . HOH D 3 . ? -0.323  -19.541 15.360  1.00 87.06 ? 91  HOH A O     1 
HETATM 379 O O     . HOH D 3 . ? 2.157   -16.714 15.931  1.00 74.82 ? 94  HOH A O     1 
HETATM 380 O O     . HOH E 3 . ? 5.044   14.303  2.547   1.00 43.77 ? 18  HOH B O     1 
HETATM 381 O O     . HOH E 3 . ? 2.752   6.594   -4.160  1.00 33.88 ? 19  HOH B O     1 
HETATM 382 O O     . HOH E 3 . ? 2.832   -12.417 -1.158  1.00 52.40 ? 23  HOH B O     1 
HETATM 383 O O     . HOH E 3 . ? 5.620   15.193  6.452   1.00 50.22 ? 24  HOH B O     1 
HETATM 384 O O     . HOH E 3 . ? -1.649  5.175   4.235   1.00 52.89 ? 27  HOH B O     1 
HETATM 385 O O     . HOH E 3 . ? -6.163  -3.691  4.243   1.00 57.20 ? 28  HOH B O     1 
HETATM 386 O O     . HOH E 3 . ? 2.713   4.402   11.216  0.50 53.54 ? 29  HOH B O     1 
HETATM 387 O O     . HOH E 3 . ? -3.613  -19.787 -2.920  1.00 63.51 ? 34  HOH B O     1 
HETATM 388 O O     . HOH E 3 . ? -6.707  -9.240  -9.172  1.00 69.45 ? 35  HOH B O     1 
HETATM 389 O O     . HOH E 3 . ? 1.942   11.630  5.868   1.00 48.49 ? 37  HOH B O     1 
HETATM 390 O O     . HOH E 3 . ? -0.884  -18.689 -2.676  1.00 61.99 ? 38  HOH B O     1 
HETATM 391 O O     . HOH E 3 . ? -4.190  -19.653 -0.056  1.00 43.84 ? 40  HOH B O     1 
HETATM 392 O O     . HOH E 3 . ? 0.179   -5.920  -6.340  1.00 45.49 ? 44  HOH B O     1 
HETATM 393 O O     . HOH E 3 . ? -2.759  2.128   3.099   1.00 60.67 ? 45  HOH B O     1 
HETATM 394 O O     . HOH E 3 . ? 1.832   6.828   4.570   1.00 49.72 ? 48  HOH B O     1 
HETATM 395 O O     . HOH E 3 . ? 1.855   6.569   7.712   1.00 60.00 ? 50  HOH B O     1 
HETATM 396 O O     . HOH E 3 . ? -5.625  -5.184  -0.074  1.00 43.65 ? 57  HOH B O     1 
HETATM 397 O O     . HOH E 3 . ? -9.871  -9.814  -4.901  1.00 72.36 ? 60  HOH B O     1 
HETATM 398 O O     . HOH E 3 . ? -3.251  -5.033  -8.585  1.00 59.42 ? 61  HOH B O     1 
HETATM 399 O O     . HOH E 3 . ? -3.445  16.482  3.121   1.00 57.89 ? 64  HOH B O     1 
HETATM 400 O O     . HOH E 3 . ? -3.347  -21.875 1.558   1.00 48.24 ? 65  HOH B O     1 
HETATM 401 O O     . HOH E 3 . ? 2.511   -11.889 -5.862  1.00 55.06 ? 73  HOH B O     1 
HETATM 402 O O     . HOH E 3 . ? -5.912  5.909   1.819   1.00 73.27 ? 75  HOH B O     1 
HETATM 403 O O     . HOH E 3 . ? -6.023  0.022   -1.841  1.00 71.43 ? 77  HOH B O     1 
HETATM 404 O O     . HOH E 3 . ? -4.405  -7.050  -11.738 1.00 50.10 ? 81  HOH B O     1 
HETATM 405 O O     . HOH E 3 . ? -9.701  0.387   -2.196  1.00 59.62 ? 82  HOH B O     1 
HETATM 406 O O     . HOH E 3 . ? 3.526   -14.560 -5.276  1.00 66.45 ? 84  HOH B O     1 
HETATM 407 O O     . HOH E 3 . ? -4.593  2.837   5.962   1.00 63.40 ? 86  HOH B O     1 
HETATM 408 O O     . HOH E 3 . ? 0.329   -0.309  6.848   1.00 61.92 ? 88  HOH B O     1 
HETATM 409 O O     . HOH E 3 . ? -0.396  -11.780 -5.845  1.00 59.01 ? 90  HOH B O     1 
HETATM 410 O O     . HOH E 3 . ? -10.471 0.965   0.601   1.00 57.82 ? 92  HOH B O     1 
HETATM 411 O O     . HOH E 3 . ? -4.348  5.369   6.923   1.00 55.15 ? 93  HOH B O     1 
HETATM 412 O O     . HOH E 3 . ? -5.847  -1.138  1.122   1.00 58.40 ? 95  HOH B O     1 
HETATM 413 O O     . HOH E 3 . ? -2.888  7.026   8.533   1.00 50.98 ? 96  HOH B O     1 
HETATM 414 O O     . HOH E 3 . ? 4.965   6.705   6.031   1.00 88.19 ? 97  HOH B O     1 
HETATM 415 O O     . HOH E 3 . ? 6.015   9.250   4.255   1.00 90.54 ? 98  HOH B O     1 
HETATM 416 O O     . HOH E 3 . ? -7.905  -2.580  0.872   1.00 51.21 ? 99  HOH B O     1 
HETATM 417 O O     . HOH E 3 . ? -0.229  2.640   5.977   1.00 77.63 ? 100 HOH B O     1 
HETATM 418 O O     . HOH E 3 . ? 8.950   17.058  0.377   1.00 80.68 ? 101 HOH B O     1 
HETATM 419 O O     . HOH E 3 . ? 1.272   3.618   8.387   1.00 70.74 ? 102 HOH B O     1 
HETATM 420 O O     . HOH E 3 . ? -0.243  -15.001 -5.807  1.00 70.66 ? 103 HOH B O     1 
# 
loop_
_pdbx_poly_seq_scheme.asym_id 
_pdbx_poly_seq_scheme.entity_id 
_pdbx_poly_seq_scheme.seq_id 
_pdbx_poly_seq_scheme.mon_id 
_pdbx_poly_seq_scheme.ndb_seq_num 
_pdbx_poly_seq_scheme.pdb_seq_num 
_pdbx_poly_seq_scheme.auth_seq_num 
_pdbx_poly_seq_scheme.pdb_mon_id 
_pdbx_poly_seq_scheme.auth_mon_id 
_pdbx_poly_seq_scheme.pdb_strand_id 
_pdbx_poly_seq_scheme.pdb_ins_code 
_pdbx_poly_seq_scheme.hetero 
A 1 1 DG  1 1  1  DG  G   A . n 
A 1 2 C38 2 2  2  C38 CID A . n 
A 1 3 DG  3 3  3  DG  G   A . n 
A 1 4 DA  4 4  4  DA  A   A . n 
A 1 5 DG  5 5  5  DG  G   A . n 
A 1 6 DA  6 6  6  DA  A   A . n 
A 1 7 DG  7 7  7  DG  G   A . n 
A 1 8 DC  8 8  8  DC  C   A . n 
B 1 1 DG  1 9  9  DG  G   B . n 
B 1 2 C38 2 10 10 C38 CID B . n 
B 1 3 DG  3 11 11 DG  G   B . n 
B 1 4 DA  4 12 12 DA  A   B . n 
B 1 5 DG  5 13 13 DG  G   B . n 
B 1 6 DA  6 14 14 DA  A   B . n 
B 1 7 DG  7 15 15 DG  G   B . n 
B 1 8 DC  8 16 16 DC  C   B . n 
# 
loop_
_pdbx_nonpoly_scheme.asym_id 
_pdbx_nonpoly_scheme.entity_id 
_pdbx_nonpoly_scheme.mon_id 
_pdbx_nonpoly_scheme.ndb_seq_num 
_pdbx_nonpoly_scheme.pdb_seq_num 
_pdbx_nonpoly_scheme.auth_seq_num 
_pdbx_nonpoly_scheme.pdb_mon_id 
_pdbx_nonpoly_scheme.auth_mon_id 
_pdbx_nonpoly_scheme.pdb_strand_id 
_pdbx_nonpoly_scheme.pdb_ins_code 
C 2 K   1  104 104 K   K   A . 
D 3 HOH 1  17  17  HOH HOH A . 
D 3 HOH 2  20  20  HOH HOH A . 
D 3 HOH 3  21  21  HOH HOH A . 
D 3 HOH 4  22  22  HOH HOH A . 
D 3 HOH 5  25  25  HOH HOH A . 
D 3 HOH 6  26  26  HOH HOH A . 
D 3 HOH 7  30  30  HOH HOH A . 
D 3 HOH 8  31  31  HOH HOH A . 
D 3 HOH 9  32  32  HOH HOH A . 
D 3 HOH 10 33  33  HOH HOH A . 
D 3 HOH 11 36  36  HOH HOH A . 
D 3 HOH 12 39  39  HOH HOH A . 
D 3 HOH 13 41  41  HOH HOH A . 
D 3 HOH 14 42  42  HOH HOH A . 
D 3 HOH 15 43  43  HOH HOH A . 
D 3 HOH 16 46  46  HOH HOH A . 
D 3 HOH 17 47  47  HOH HOH A . 
D 3 HOH 18 49  49  HOH HOH A . 
D 3 HOH 19 51  51  HOH HOH A . 
D 3 HOH 20 52  52  HOH HOH A . 
D 3 HOH 21 53  53  HOH HOH A . 
D 3 HOH 22 54  54  HOH HOH A . 
D 3 HOH 23 55  55  HOH HOH A . 
D 3 HOH 24 56  56  HOH HOH A . 
D 3 HOH 25 58  58  HOH HOH A . 
D 3 HOH 26 59  59  HOH HOH A . 
D 3 HOH 27 62  62  HOH HOH A . 
D 3 HOH 28 63  63  HOH HOH A . 
D 3 HOH 29 66  66  HOH HOH A . 
D 3 HOH 30 67  67  HOH HOH A . 
D 3 HOH 31 68  68  HOH HOH A . 
D 3 HOH 32 69  69  HOH HOH A . 
D 3 HOH 33 70  70  HOH HOH A . 
D 3 HOH 34 71  71  HOH HOH A . 
D 3 HOH 35 72  72  HOH HOH A . 
D 3 HOH 36 74  74  HOH HOH A . 
D 3 HOH 37 76  76  HOH HOH A . 
D 3 HOH 38 78  78  HOH HOH A . 
D 3 HOH 39 79  79  HOH HOH A . 
D 3 HOH 40 80  80  HOH HOH A . 
D 3 HOH 41 83  83  HOH HOH A . 
D 3 HOH 42 85  85  HOH HOH A . 
D 3 HOH 43 87  87  HOH HOH A . 
D 3 HOH 44 89  89  HOH HOH A . 
D 3 HOH 45 91  91  HOH HOH A . 
D 3 HOH 46 94  94  HOH HOH A . 
E 3 HOH 1  18  18  HOH HOH B . 
E 3 HOH 2  19  19  HOH HOH B . 
E 3 HOH 3  23  23  HOH HOH B . 
E 3 HOH 4  24  24  HOH HOH B . 
E 3 HOH 5  27  27  HOH HOH B . 
E 3 HOH 6  28  28  HOH HOH B . 
E 3 HOH 7  29  29  HOH HOH B . 
E 3 HOH 8  34  34  HOH HOH B . 
E 3 HOH 9  35  35  HOH HOH B . 
E 3 HOH 10 37  37  HOH HOH B . 
E 3 HOH 11 38  38  HOH HOH B . 
E 3 HOH 12 40  40  HOH HOH B . 
E 3 HOH 13 44  44  HOH HOH B . 
E 3 HOH 14 45  45  HOH HOH B . 
E 3 HOH 15 48  48  HOH HOH B . 
E 3 HOH 16 50  50  HOH HOH B . 
E 3 HOH 17 57  57  HOH HOH B . 
E 3 HOH 18 60  60  HOH HOH B . 
E 3 HOH 19 61  61  HOH HOH B . 
E 3 HOH 20 64  64  HOH HOH B . 
E 3 HOH 21 65  65  HOH HOH B . 
E 3 HOH 22 73  73  HOH HOH B . 
E 3 HOH 23 75  75  HOH HOH B . 
E 3 HOH 24 77  77  HOH HOH B . 
E 3 HOH 25 81  81  HOH HOH B . 
E 3 HOH 26 82  82  HOH HOH B . 
E 3 HOH 27 84  84  HOH HOH B . 
E 3 HOH 28 86  86  HOH HOH B . 
E 3 HOH 29 88  88  HOH HOH B . 
E 3 HOH 30 90  90  HOH HOH B . 
E 3 HOH 31 92  92  HOH HOH B . 
E 3 HOH 32 93  93  HOH HOH B . 
E 3 HOH 33 95  95  HOH HOH B . 
E 3 HOH 34 96  96  HOH HOH B . 
E 3 HOH 35 97  97  HOH HOH B . 
E 3 HOH 36 98  98  HOH HOH B . 
E 3 HOH 37 99  99  HOH HOH B . 
E 3 HOH 38 100 100 HOH HOH B . 
E 3 HOH 39 101 101 HOH HOH B . 
E 3 HOH 40 102 102 HOH HOH B . 
E 3 HOH 41 103 103 HOH HOH B . 
# 
loop_
_pdbx_struct_mod_residue.id 
_pdbx_struct_mod_residue.label_asym_id 
_pdbx_struct_mod_residue.label_comp_id 
_pdbx_struct_mod_residue.label_seq_id 
_pdbx_struct_mod_residue.auth_asym_id 
_pdbx_struct_mod_residue.auth_comp_id 
_pdbx_struct_mod_residue.auth_seq_id 
_pdbx_struct_mod_residue.PDB_ins_code 
_pdbx_struct_mod_residue.parent_comp_id 
_pdbx_struct_mod_residue.details 
1 A C38 2 A C38 2  ? DC ? 
2 B C38 2 B C38 10 ? DC ? 
# 
_pdbx_struct_assembly.id                   1 
_pdbx_struct_assembly.details              author_defined_assembly 
_pdbx_struct_assembly.method_details       ? 
_pdbx_struct_assembly.oligomeric_details   tetrameric 
_pdbx_struct_assembly.oligomeric_count     4 
# 
_pdbx_struct_assembly_gen.assembly_id       1 
_pdbx_struct_assembly_gen.oper_expression   1,2 
_pdbx_struct_assembly_gen.asym_id_list      A,B,C,D,E 
# 
loop_
_pdbx_struct_oper_list.id 
_pdbx_struct_oper_list.type 
_pdbx_struct_oper_list.name 
_pdbx_struct_oper_list.symmetry_operation 
_pdbx_struct_oper_list.matrix[1][1] 
_pdbx_struct_oper_list.matrix[1][2] 
_pdbx_struct_oper_list.matrix[1][3] 
_pdbx_struct_oper_list.vector[1] 
_pdbx_struct_oper_list.matrix[2][1] 
_pdbx_struct_oper_list.matrix[2][2] 
_pdbx_struct_oper_list.matrix[2][3] 
_pdbx_struct_oper_list.vector[2] 
_pdbx_struct_oper_list.matrix[3][1] 
_pdbx_struct_oper_list.matrix[3][2] 
_pdbx_struct_oper_list.matrix[3][3] 
_pdbx_struct_oper_list.vector[3] 
1 'identity operation'         1_555 x,y,z   1.0000000000  0.0000000000  0.0000000000  0.0000000000  0.0000000000  1.0000000000  0.0000000000 0.0000000000 0.0000000000  0.0000000000 1.0000000000 0.0000000000 
2 'crystal symmetry operation' 3_555 -x,y,-z -0.8507406317 -0.2910974528 -0.4376101581 12.9744385849 -0.2910974528 -0.4322786703 0.8534620227 2.0458802304 -0.4376101581 0.8534620227 0.2830193020 3.0643849511 
# 
loop_
_pdbx_struct_special_symmetry.id 
_pdbx_struct_special_symmetry.PDB_model_num 
_pdbx_struct_special_symmetry.auth_asym_id 
_pdbx_struct_special_symmetry.auth_comp_id 
_pdbx_struct_special_symmetry.auth_seq_id 
_pdbx_struct_special_symmetry.PDB_ins_code 
_pdbx_struct_special_symmetry.label_asym_id 
_pdbx_struct_special_symmetry.label_comp_id 
_pdbx_struct_special_symmetry.label_seq_id 
1 1 A K   104 ? C K   . 
2 1 B HOH 29  ? E HOH . 
# 
loop_
_pdbx_struct_conn_angle.id 
_pdbx_struct_conn_angle.ptnr1_label_atom_id 
_pdbx_struct_conn_angle.ptnr1_label_alt_id 
_pdbx_struct_conn_angle.ptnr1_label_asym_id 
_pdbx_struct_conn_angle.ptnr1_label_comp_id 
_pdbx_struct_conn_angle.ptnr1_label_seq_id 
_pdbx_struct_conn_angle.ptnr1_auth_atom_id 
_pdbx_struct_conn_angle.ptnr1_auth_asym_id 
_pdbx_struct_conn_angle.ptnr1_auth_comp_id 
_pdbx_struct_conn_angle.ptnr1_auth_seq_id 
_pdbx_struct_conn_angle.ptnr1_PDB_ins_code 
_pdbx_struct_conn_angle.ptnr1_symmetry 
_pdbx_struct_conn_angle.ptnr2_label_atom_id 
_pdbx_struct_conn_angle.ptnr2_label_alt_id 
_pdbx_struct_conn_angle.ptnr2_label_asym_id 
_pdbx_struct_conn_angle.ptnr2_label_comp_id 
_pdbx_struct_conn_angle.ptnr2_label_seq_id 
_pdbx_struct_conn_angle.ptnr2_auth_atom_id 
_pdbx_struct_conn_angle.ptnr2_auth_asym_id 
_pdbx_struct_conn_angle.ptnr2_auth_comp_id 
_pdbx_struct_conn_angle.ptnr2_auth_seq_id 
_pdbx_struct_conn_angle.ptnr2_PDB_ins_code 
_pdbx_struct_conn_angle.ptnr2_symmetry 
_pdbx_struct_conn_angle.ptnr3_label_atom_id 
_pdbx_struct_conn_angle.ptnr3_label_alt_id 
_pdbx_struct_conn_angle.ptnr3_label_asym_id 
_pdbx_struct_conn_angle.ptnr3_label_comp_id 
_pdbx_struct_conn_angle.ptnr3_label_seq_id 
_pdbx_struct_conn_angle.ptnr3_auth_atom_id 
_pdbx_struct_conn_angle.ptnr3_auth_asym_id 
_pdbx_struct_conn_angle.ptnr3_auth_comp_id 
_pdbx_struct_conn_angle.ptnr3_auth_seq_id 
_pdbx_struct_conn_angle.ptnr3_PDB_ins_code 
_pdbx_struct_conn_angle.ptnr3_symmetry 
_pdbx_struct_conn_angle.value 
_pdbx_struct_conn_angle.value_esd 
1  O6 ? A DG  5 ? A DG  5  ? 1_555 K ? C K . ? A K 104 ? 1_555 O6 ? A DG  5 ? A DG  5  ? 3_555 62.6  ? 
2  O6 ? A DG  5 ? A DG  5  ? 1_555 K ? C K . ? A K 104 ? 1_555 O  ? D HOH . ? A HOH 25 ? 1_555 78.1  ? 
3  O6 ? A DG  5 ? A DG  5  ? 3_555 K ? C K . ? A K 104 ? 1_555 O  ? D HOH . ? A HOH 25 ? 1_555 123.0 ? 
4  O6 ? A DG  5 ? A DG  5  ? 1_555 K ? C K . ? A K 104 ? 1_555 O  ? D HOH . ? A HOH 25 ? 3_555 123.0 ? 
5  O6 ? A DG  5 ? A DG  5  ? 3_555 K ? C K . ? A K 104 ? 1_555 O  ? D HOH . ? A HOH 25 ? 3_555 78.1  ? 
6  O  ? D HOH . ? A HOH 25 ? 1_555 K ? C K . ? A K 104 ? 1_555 O  ? D HOH . ? A HOH 25 ? 3_555 157.1 ? 
7  O6 ? A DG  5 ? A DG  5  ? 1_555 K ? C K . ? A K 104 ? 1_555 O6 ? B DG  5 ? B DG  13 ? 1_555 85.0  ? 
8  O6 ? A DG  5 ? A DG  5  ? 3_555 K ? C K . ? A K 104 ? 1_555 O6 ? B DG  5 ? B DG  13 ? 1_555 72.7  ? 
9  O  ? D HOH . ? A HOH 25 ? 1_555 K ? C K . ? A K 104 ? 1_555 O6 ? B DG  5 ? B DG  13 ? 1_555 63.8  ? 
10 O  ? D HOH . ? A HOH 25 ? 3_555 K ? C K . ? A K 104 ? 1_555 O6 ? B DG  5 ? B DG  13 ? 1_555 122.0 ? 
11 O6 ? A DG  5 ? A DG  5  ? 1_555 K ? C K . ? A K 104 ? 1_555 O6 ? B DG  5 ? B DG  13 ? 3_555 72.7  ? 
12 O6 ? A DG  5 ? A DG  5  ? 3_555 K ? C K . ? A K 104 ? 1_555 O6 ? B DG  5 ? B DG  13 ? 3_555 85.0  ? 
13 O  ? D HOH . ? A HOH 25 ? 1_555 K ? C K . ? A K 104 ? 1_555 O6 ? B DG  5 ? B DG  13 ? 3_555 122.0 ? 
14 O  ? D HOH . ? A HOH 25 ? 3_555 K ? C K . ? A K 104 ? 1_555 O6 ? B DG  5 ? B DG  13 ? 3_555 63.8  ? 
15 O6 ? B DG  5 ? B DG  13 ? 1_555 K ? C K . ? A K 104 ? 1_555 O6 ? B DG  5 ? B DG  13 ? 3_555 154.0 ? 
16 O6 ? A DG  5 ? A DG  5  ? 1_555 K ? C K . ? A K 104 ? 1_555 O  ? E HOH . ? B HOH 97 ? 1_555 109.7 ? 
17 O6 ? A DG  5 ? A DG  5  ? 3_555 K ? C K . ? A K 104 ? 1_555 O  ? E HOH . ? B HOH 97 ? 1_555 148.1 ? 
18 O  ? D HOH . ? A HOH 25 ? 1_555 K ? C K . ? A K 104 ? 1_555 O  ? E HOH . ? B HOH 97 ? 1_555 81.7  ? 
19 O  ? D HOH . ? A HOH 25 ? 3_555 K ? C K . ? A K 104 ? 1_555 O  ? E HOH . ? B HOH 97 ? 1_555 82.5  ? 
20 O6 ? B DG  5 ? B DG  13 ? 1_555 K ? C K . ? A K 104 ? 1_555 O  ? E HOH . ? B HOH 97 ? 1_555 139.2 ? 
21 O6 ? B DG  5 ? B DG  13 ? 3_555 K ? C K . ? A K 104 ? 1_555 O  ? E HOH . ? B HOH 97 ? 1_555 63.6  ? 
22 O6 ? A DG  5 ? A DG  5  ? 1_555 K ? C K . ? A K 104 ? 1_555 O  ? E HOH . ? B HOH 97 ? 3_555 148.1 ? 
23 O6 ? A DG  5 ? A DG  5  ? 3_555 K ? C K . ? A K 104 ? 1_555 O  ? E HOH . ? B HOH 97 ? 3_555 109.7 ? 
24 O  ? D HOH . ? A HOH 25 ? 1_555 K ? C K . ? A K 104 ? 1_555 O  ? E HOH . ? B HOH 97 ? 3_555 82.5  ? 
25 O  ? D HOH . ? A HOH 25 ? 3_555 K ? C K . ? A K 104 ? 1_555 O  ? E HOH . ? B HOH 97 ? 3_555 81.7  ? 
26 O6 ? B DG  5 ? B DG  13 ? 1_555 K ? C K . ? A K 104 ? 1_555 O  ? E HOH . ? B HOH 97 ? 3_555 63.6  ? 
27 O6 ? B DG  5 ? B DG  13 ? 3_555 K ? C K . ? A K 104 ? 1_555 O  ? E HOH . ? B HOH 97 ? 3_555 139.2 ? 
28 O  ? E HOH . ? B HOH 97 ? 1_555 K ? C K . ? A K 104 ? 1_555 O  ? E HOH . ? B HOH 97 ? 3_555 92.1  ? 
# 
loop_
_pdbx_audit_revision_history.ordinal 
_pdbx_audit_revision_history.data_content_type 
_pdbx_audit_revision_history.major_revision 
_pdbx_audit_revision_history.minor_revision 
_pdbx_audit_revision_history.revision_date 
1 'Structure model' 1 0 2004-06-08 
2 'Structure model' 1 1 2008-04-27 
3 'Structure model' 1 2 2011-07-13 
4 'Structure model' 1 3 2014-04-16 
5 'Structure model' 1 4 2023-10-25 
# 
_pdbx_audit_revision_details.ordinal             1 
_pdbx_audit_revision_details.revision_ordinal    1 
_pdbx_audit_revision_details.data_content_type   'Structure model' 
_pdbx_audit_revision_details.provider            repository 
_pdbx_audit_revision_details.type                'Initial release' 
_pdbx_audit_revision_details.description         ? 
_pdbx_audit_revision_details.details             ? 
# 
loop_
_pdbx_audit_revision_group.ordinal 
_pdbx_audit_revision_group.revision_ordinal 
_pdbx_audit_revision_group.data_content_type 
_pdbx_audit_revision_group.group 
1 2 'Structure model' 'Version format compliance' 
2 3 'Structure model' 'Version format compliance' 
3 4 'Structure model' Other                       
4 5 'Structure model' 'Data collection'           
5 5 'Structure model' 'Database references'       
6 5 'Structure model' 'Derived calculations'      
7 5 'Structure model' 'Refinement description'    
# 
loop_
_pdbx_audit_revision_category.ordinal 
_pdbx_audit_revision_category.revision_ordinal 
_pdbx_audit_revision_category.data_content_type 
_pdbx_audit_revision_category.category 
1 5 'Structure model' chem_comp_atom                
2 5 'Structure model' chem_comp_bond                
3 5 'Structure model' database_2                    
4 5 'Structure model' pdbx_initial_refinement_model 
5 5 'Structure model' pdbx_struct_conn_angle        
6 5 'Structure model' struct_conn                   
7 5 'Structure model' struct_site                   
# 
loop_
_pdbx_audit_revision_item.ordinal 
_pdbx_audit_revision_item.revision_ordinal 
_pdbx_audit_revision_item.data_content_type 
_pdbx_audit_revision_item.item 
1  5 'Structure model' '_database_2.pdbx_DOI'                        
2  5 'Structure model' '_database_2.pdbx_database_accession'         
3  5 'Structure model' '_pdbx_struct_conn_angle.ptnr1_auth_asym_id'  
4  5 'Structure model' '_pdbx_struct_conn_angle.ptnr1_auth_comp_id'  
5  5 'Structure model' '_pdbx_struct_conn_angle.ptnr1_auth_seq_id'   
6  5 'Structure model' '_pdbx_struct_conn_angle.ptnr1_label_asym_id' 
7  5 'Structure model' '_pdbx_struct_conn_angle.ptnr1_label_atom_id' 
8  5 'Structure model' '_pdbx_struct_conn_angle.ptnr1_label_comp_id' 
9  5 'Structure model' '_pdbx_struct_conn_angle.ptnr1_label_seq_id'  
10 5 'Structure model' '_pdbx_struct_conn_angle.ptnr1_symmetry'      
11 5 'Structure model' '_pdbx_struct_conn_angle.ptnr3_auth_asym_id'  
12 5 'Structure model' '_pdbx_struct_conn_angle.ptnr3_auth_comp_id'  
13 5 'Structure model' '_pdbx_struct_conn_angle.ptnr3_auth_seq_id'   
14 5 'Structure model' '_pdbx_struct_conn_angle.ptnr3_label_asym_id' 
15 5 'Structure model' '_pdbx_struct_conn_angle.ptnr3_label_atom_id' 
16 5 'Structure model' '_pdbx_struct_conn_angle.ptnr3_label_comp_id' 
17 5 'Structure model' '_pdbx_struct_conn_angle.ptnr3_label_seq_id'  
18 5 'Structure model' '_pdbx_struct_conn_angle.ptnr3_symmetry'      
19 5 'Structure model' '_pdbx_struct_conn_angle.value'               
20 5 'Structure model' '_struct_conn.conn_type_id'                   
21 5 'Structure model' '_struct_conn.id'                             
22 5 'Structure model' '_struct_conn.pdbx_dist_value'                
23 5 'Structure model' '_struct_conn.pdbx_leaving_atom_flag'         
24 5 'Structure model' '_struct_conn.ptnr1_auth_asym_id'             
25 5 'Structure model' '_struct_conn.ptnr1_auth_comp_id'             
26 5 'Structure model' '_struct_conn.ptnr1_auth_seq_id'              
27 5 'Structure model' '_struct_conn.ptnr1_label_asym_id'            
28 5 'Structure model' '_struct_conn.ptnr1_label_atom_id'            
29 5 'Structure model' '_struct_conn.ptnr1_label_comp_id'            
30 5 'Structure model' '_struct_conn.ptnr1_label_seq_id'             
31 5 'Structure model' '_struct_conn.ptnr1_symmetry'                 
32 5 'Structure model' '_struct_conn.ptnr2_auth_asym_id'             
33 5 'Structure model' '_struct_conn.ptnr2_auth_comp_id'             
34 5 'Structure model' '_struct_conn.ptnr2_auth_seq_id'              
35 5 'Structure model' '_struct_conn.ptnr2_label_asym_id'            
36 5 'Structure model' '_struct_conn.ptnr2_label_atom_id'            
37 5 'Structure model' '_struct_conn.ptnr2_label_comp_id'            
38 5 'Structure model' '_struct_conn.ptnr2_label_seq_id'             
39 5 'Structure model' '_struct_conn.ptnr2_symmetry'                 
40 5 'Structure model' '_struct_site.pdbx_auth_asym_id'              
41 5 'Structure model' '_struct_site.pdbx_auth_comp_id'              
42 5 'Structure model' '_struct_site.pdbx_auth_seq_id'               
# 
loop_
_software.name 
_software.classification 
_software.version 
_software.citation_id 
_software.pdbx_ordinal 
d*TREK 'data scaling'   .         ? 1 
SCALA  'data scaling'   .         ? 2 
AMoRE  phasing          .         ? 3 
CNS    refinement       1.0       ? 4 
d*TREK 'data reduction' .         ? 5 
CCP4   'data scaling'   '(SCALA)' ? 6 
# 
loop_
_chem_comp_atom.comp_id 
_chem_comp_atom.atom_id 
_chem_comp_atom.type_symbol 
_chem_comp_atom.pdbx_aromatic_flag 
_chem_comp_atom.pdbx_stereo_config 
_chem_comp_atom.pdbx_ordinal 
C38 O3P    O N N 1   
C38 P      P N N 2   
C38 O1P    O N N 3   
C38 O2P    O N N 4   
C38 "O5'"  O N N 5   
C38 "C5'"  C N N 6   
C38 "C4'"  C N R 7   
C38 "O4'"  O N N 8   
C38 "C3'"  C N S 9   
C38 "O3'"  O N N 10  
C38 "C2'"  C N N 11  
C38 "C1'"  C N R 12  
C38 N1     N N N 13  
C38 C2     C N N 14  
C38 O2     O N N 15  
C38 N3     N N N 16  
C38 C4     C N N 17  
C38 N4     N N N 18  
C38 C5     C N N 19  
C38 C6     C N N 20  
C38 I      I N N 21  
C38 H3P    H N N 22  
C38 H2P    H N N 23  
C38 "H5'1" H N N 24  
C38 "H5'2" H N N 25  
C38 "H4'"  H N N 26  
C38 "H3'"  H N N 27  
C38 HA     H N N 28  
C38 "H2'1" H N N 29  
C38 "H2'2" H N N 30  
C38 "H1'"  H N N 31  
C38 H4N1   H N N 32  
C38 H4N2   H N N 33  
C38 H6     H N N 34  
DA  OP3    O N N 35  
DA  P      P N N 36  
DA  OP1    O N N 37  
DA  OP2    O N N 38  
DA  "O5'"  O N N 39  
DA  "C5'"  C N N 40  
DA  "C4'"  C N R 41  
DA  "O4'"  O N N 42  
DA  "C3'"  C N S 43  
DA  "O3'"  O N N 44  
DA  "C2'"  C N N 45  
DA  "C1'"  C N R 46  
DA  N9     N Y N 47  
DA  C8     C Y N 48  
DA  N7     N Y N 49  
DA  C5     C Y N 50  
DA  C6     C Y N 51  
DA  N6     N N N 52  
DA  N1     N Y N 53  
DA  C2     C Y N 54  
DA  N3     N Y N 55  
DA  C4     C Y N 56  
DA  HOP3   H N N 57  
DA  HOP2   H N N 58  
DA  "H5'"  H N N 59  
DA  "H5''" H N N 60  
DA  "H4'"  H N N 61  
DA  "H3'"  H N N 62  
DA  "HO3'" H N N 63  
DA  "H2'"  H N N 64  
DA  "H2''" H N N 65  
DA  "H1'"  H N N 66  
DA  H8     H N N 67  
DA  H61    H N N 68  
DA  H62    H N N 69  
DA  H2     H N N 70  
DC  OP3    O N N 71  
DC  P      P N N 72  
DC  OP1    O N N 73  
DC  OP2    O N N 74  
DC  "O5'"  O N N 75  
DC  "C5'"  C N N 76  
DC  "C4'"  C N R 77  
DC  "O4'"  O N N 78  
DC  "C3'"  C N S 79  
DC  "O3'"  O N N 80  
DC  "C2'"  C N N 81  
DC  "C1'"  C N R 82  
DC  N1     N N N 83  
DC  C2     C N N 84  
DC  O2     O N N 85  
DC  N3     N N N 86  
DC  C4     C N N 87  
DC  N4     N N N 88  
DC  C5     C N N 89  
DC  C6     C N N 90  
DC  HOP3   H N N 91  
DC  HOP2   H N N 92  
DC  "H5'"  H N N 93  
DC  "H5''" H N N 94  
DC  "H4'"  H N N 95  
DC  "H3'"  H N N 96  
DC  "HO3'" H N N 97  
DC  "H2'"  H N N 98  
DC  "H2''" H N N 99  
DC  "H1'"  H N N 100 
DC  H41    H N N 101 
DC  H42    H N N 102 
DC  H5     H N N 103 
DC  H6     H N N 104 
DG  OP3    O N N 105 
DG  P      P N N 106 
DG  OP1    O N N 107 
DG  OP2    O N N 108 
DG  "O5'"  O N N 109 
DG  "C5'"  C N N 110 
DG  "C4'"  C N R 111 
DG  "O4'"  O N N 112 
DG  "C3'"  C N S 113 
DG  "O3'"  O N N 114 
DG  "C2'"  C N N 115 
DG  "C1'"  C N R 116 
DG  N9     N Y N 117 
DG  C8     C Y N 118 
DG  N7     N Y N 119 
DG  C5     C Y N 120 
DG  C6     C N N 121 
DG  O6     O N N 122 
DG  N1     N N N 123 
DG  C2     C N N 124 
DG  N2     N N N 125 
DG  N3     N N N 126 
DG  C4     C Y N 127 
DG  HOP3   H N N 128 
DG  HOP2   H N N 129 
DG  "H5'"  H N N 130 
DG  "H5''" H N N 131 
DG  "H4'"  H N N 132 
DG  "H3'"  H N N 133 
DG  "HO3'" H N N 134 
DG  "H2'"  H N N 135 
DG  "H2''" H N N 136 
DG  "H1'"  H N N 137 
DG  H8     H N N 138 
DG  H1     H N N 139 
DG  H21    H N N 140 
DG  H22    H N N 141 
HOH O      O N N 142 
HOH H1     H N N 143 
HOH H2     H N N 144 
K   K      K N N 145 
# 
loop_
_chem_comp_bond.comp_id 
_chem_comp_bond.atom_id_1 
_chem_comp_bond.atom_id_2 
_chem_comp_bond.value_order 
_chem_comp_bond.pdbx_aromatic_flag 
_chem_comp_bond.pdbx_stereo_config 
_chem_comp_bond.pdbx_ordinal 
C38 O3P   P      sing N N 1   
C38 O3P   H3P    sing N N 2   
C38 P     O1P    doub N N 3   
C38 P     O2P    sing N N 4   
C38 P     "O5'"  sing N N 5   
C38 O2P   H2P    sing N N 6   
C38 "O5'" "C5'"  sing N N 7   
C38 "C5'" "C4'"  sing N N 8   
C38 "C5'" "H5'1" sing N N 9   
C38 "C5'" "H5'2" sing N N 10  
C38 "C4'" "O4'"  sing N N 11  
C38 "C4'" "C3'"  sing N N 12  
C38 "C4'" "H4'"  sing N N 13  
C38 "O4'" "C1'"  sing N N 14  
C38 "C3'" "O3'"  sing N N 15  
C38 "C3'" "C2'"  sing N N 16  
C38 "C3'" "H3'"  sing N N 17  
C38 "O3'" HA     sing N N 18  
C38 "C2'" "C1'"  sing N N 19  
C38 "C2'" "H2'1" sing N N 20  
C38 "C2'" "H2'2" sing N N 21  
C38 "C1'" N1     sing N N 22  
C38 "C1'" "H1'"  sing N N 23  
C38 N1    C2     sing N N 24  
C38 N1    C6     sing N N 25  
C38 C2    O2     doub N N 26  
C38 C2    N3     sing N N 27  
C38 N3    C4     doub N N 28  
C38 C4    N4     sing N N 29  
C38 C4    C5     sing N N 30  
C38 N4    H4N1   sing N N 31  
C38 N4    H4N2   sing N N 32  
C38 C5    C6     doub N N 33  
C38 C5    I      sing N N 34  
C38 C6    H6     sing N N 35  
DA  OP3   P      sing N N 36  
DA  OP3   HOP3   sing N N 37  
DA  P     OP1    doub N N 38  
DA  P     OP2    sing N N 39  
DA  P     "O5'"  sing N N 40  
DA  OP2   HOP2   sing N N 41  
DA  "O5'" "C5'"  sing N N 42  
DA  "C5'" "C4'"  sing N N 43  
DA  "C5'" "H5'"  sing N N 44  
DA  "C5'" "H5''" sing N N 45  
DA  "C4'" "O4'"  sing N N 46  
DA  "C4'" "C3'"  sing N N 47  
DA  "C4'" "H4'"  sing N N 48  
DA  "O4'" "C1'"  sing N N 49  
DA  "C3'" "O3'"  sing N N 50  
DA  "C3'" "C2'"  sing N N 51  
DA  "C3'" "H3'"  sing N N 52  
DA  "O3'" "HO3'" sing N N 53  
DA  "C2'" "C1'"  sing N N 54  
DA  "C2'" "H2'"  sing N N 55  
DA  "C2'" "H2''" sing N N 56  
DA  "C1'" N9     sing N N 57  
DA  "C1'" "H1'"  sing N N 58  
DA  N9    C8     sing Y N 59  
DA  N9    C4     sing Y N 60  
DA  C8    N7     doub Y N 61  
DA  C8    H8     sing N N 62  
DA  N7    C5     sing Y N 63  
DA  C5    C6     sing Y N 64  
DA  C5    C4     doub Y N 65  
DA  C6    N6     sing N N 66  
DA  C6    N1     doub Y N 67  
DA  N6    H61    sing N N 68  
DA  N6    H62    sing N N 69  
DA  N1    C2     sing Y N 70  
DA  C2    N3     doub Y N 71  
DA  C2    H2     sing N N 72  
DA  N3    C4     sing Y N 73  
DC  OP3   P      sing N N 74  
DC  OP3   HOP3   sing N N 75  
DC  P     OP1    doub N N 76  
DC  P     OP2    sing N N 77  
DC  P     "O5'"  sing N N 78  
DC  OP2   HOP2   sing N N 79  
DC  "O5'" "C5'"  sing N N 80  
DC  "C5'" "C4'"  sing N N 81  
DC  "C5'" "H5'"  sing N N 82  
DC  "C5'" "H5''" sing N N 83  
DC  "C4'" "O4'"  sing N N 84  
DC  "C4'" "C3'"  sing N N 85  
DC  "C4'" "H4'"  sing N N 86  
DC  "O4'" "C1'"  sing N N 87  
DC  "C3'" "O3'"  sing N N 88  
DC  "C3'" "C2'"  sing N N 89  
DC  "C3'" "H3'"  sing N N 90  
DC  "O3'" "HO3'" sing N N 91  
DC  "C2'" "C1'"  sing N N 92  
DC  "C2'" "H2'"  sing N N 93  
DC  "C2'" "H2''" sing N N 94  
DC  "C1'" N1     sing N N 95  
DC  "C1'" "H1'"  sing N N 96  
DC  N1    C2     sing N N 97  
DC  N1    C6     sing N N 98  
DC  C2    O2     doub N N 99  
DC  C2    N3     sing N N 100 
DC  N3    C4     doub N N 101 
DC  C4    N4     sing N N 102 
DC  C4    C5     sing N N 103 
DC  N4    H41    sing N N 104 
DC  N4    H42    sing N N 105 
DC  C5    C6     doub N N 106 
DC  C5    H5     sing N N 107 
DC  C6    H6     sing N N 108 
DG  OP3   P      sing N N 109 
DG  OP3   HOP3   sing N N 110 
DG  P     OP1    doub N N 111 
DG  P     OP2    sing N N 112 
DG  P     "O5'"  sing N N 113 
DG  OP2   HOP2   sing N N 114 
DG  "O5'" "C5'"  sing N N 115 
DG  "C5'" "C4'"  sing N N 116 
DG  "C5'" "H5'"  sing N N 117 
DG  "C5'" "H5''" sing N N 118 
DG  "C4'" "O4'"  sing N N 119 
DG  "C4'" "C3'"  sing N N 120 
DG  "C4'" "H4'"  sing N N 121 
DG  "O4'" "C1'"  sing N N 122 
DG  "C3'" "O3'"  sing N N 123 
DG  "C3'" "C2'"  sing N N 124 
DG  "C3'" "H3'"  sing N N 125 
DG  "O3'" "HO3'" sing N N 126 
DG  "C2'" "C1'"  sing N N 127 
DG  "C2'" "H2'"  sing N N 128 
DG  "C2'" "H2''" sing N N 129 
DG  "C1'" N9     sing N N 130 
DG  "C1'" "H1'"  sing N N 131 
DG  N9    C8     sing Y N 132 
DG  N9    C4     sing Y N 133 
DG  C8    N7     doub Y N 134 
DG  C8    H8     sing N N 135 
DG  N7    C5     sing Y N 136 
DG  C5    C6     sing N N 137 
DG  C5    C4     doub Y N 138 
DG  C6    O6     doub N N 139 
DG  C6    N1     sing N N 140 
DG  N1    C2     sing N N 141 
DG  N1    H1     sing N N 142 
DG  C2    N2     sing N N 143 
DG  C2    N3     doub N N 144 
DG  N2    H21    sing N N 145 
DG  N2    H22    sing N N 146 
DG  N3    C4     sing N N 147 
HOH O     H1     sing N N 148 
HOH O     H2     sing N N 149 
# 
loop_
_ndb_struct_conf_na.entry_id 
_ndb_struct_conf_na.feature 
1V3O 'b-form double helix'  
1V3O 'mismatched base pair' 
1V3O 'internal loop'        
# 
loop_
_ndb_struct_na_base_pair.model_number 
_ndb_struct_na_base_pair.i_label_asym_id 
_ndb_struct_na_base_pair.i_label_comp_id 
_ndb_struct_na_base_pair.i_label_seq_id 
_ndb_struct_na_base_pair.i_symmetry 
_ndb_struct_na_base_pair.j_label_asym_id 
_ndb_struct_na_base_pair.j_label_comp_id 
_ndb_struct_na_base_pair.j_label_seq_id 
_ndb_struct_na_base_pair.j_symmetry 
_ndb_struct_na_base_pair.shear 
_ndb_struct_na_base_pair.stretch 
_ndb_struct_na_base_pair.stagger 
_ndb_struct_na_base_pair.buckle 
_ndb_struct_na_base_pair.propeller 
_ndb_struct_na_base_pair.opening 
_ndb_struct_na_base_pair.pair_number 
_ndb_struct_na_base_pair.pair_name 
_ndb_struct_na_base_pair.i_auth_asym_id 
_ndb_struct_na_base_pair.i_auth_seq_id 
_ndb_struct_na_base_pair.i_PDB_ins_code 
_ndb_struct_na_base_pair.j_auth_asym_id 
_ndb_struct_na_base_pair.j_auth_seq_id 
_ndb_struct_na_base_pair.j_PDB_ins_code 
_ndb_struct_na_base_pair.hbond_type_28 
_ndb_struct_na_base_pair.hbond_type_12 
1 A DG  1 1_555 B DC  8 1_555 -0.406 -0.153 0.178  -2.320  3.088   1.266  1 A_DG1:DC16_B  A 1 ? B 16 ? 19 1 
1 A C38 2 1_555 B DG  7 1_555 0.281  -0.050 -0.137 15.778  7.229   0.948  2 A_C382:DG15_B A 2 ? B 15 ? 19 1 
1 A DG  3 1_555 B DA  6 1_555 6.379  -4.123 1.365  35.446  -12.617 14.482 3 A_DG3:DA14_B  A 3 ? B 14 ? 11 9 
1 A DA  6 1_555 B DG  3 1_555 -6.288 -4.203 1.742  -23.704 -14.916 18.192 4 A_DA6:DG11_B  A 6 ? B 11 ? 11 9 
1 A DG  7 1_555 B C38 2 1_555 -0.193 -0.073 -0.293 -17.800 3.390   -0.555 5 A_DG7:C3810_B A 7 ? B 10 ? 19 1 
1 A DC  8 1_555 B DG  1 1_555 -0.050 -0.199 0.161  -2.851  4.111   -1.368 6 A_DC8:DG9_B   A 8 ? B 9  ? 19 1 
# 
loop_
_ndb_struct_na_base_pair_step.model_number 
_ndb_struct_na_base_pair_step.i_label_asym_id_1 
_ndb_struct_na_base_pair_step.i_label_comp_id_1 
_ndb_struct_na_base_pair_step.i_label_seq_id_1 
_ndb_struct_na_base_pair_step.i_symmetry_1 
_ndb_struct_na_base_pair_step.j_label_asym_id_1 
_ndb_struct_na_base_pair_step.j_label_comp_id_1 
_ndb_struct_na_base_pair_step.j_label_seq_id_1 
_ndb_struct_na_base_pair_step.j_symmetry_1 
_ndb_struct_na_base_pair_step.i_label_asym_id_2 
_ndb_struct_na_base_pair_step.i_label_comp_id_2 
_ndb_struct_na_base_pair_step.i_label_seq_id_2 
_ndb_struct_na_base_pair_step.i_symmetry_2 
_ndb_struct_na_base_pair_step.j_label_asym_id_2 
_ndb_struct_na_base_pair_step.j_label_comp_id_2 
_ndb_struct_na_base_pair_step.j_label_seq_id_2 
_ndb_struct_na_base_pair_step.j_symmetry_2 
_ndb_struct_na_base_pair_step.shift 
_ndb_struct_na_base_pair_step.slide 
_ndb_struct_na_base_pair_step.rise 
_ndb_struct_na_base_pair_step.tilt 
_ndb_struct_na_base_pair_step.roll 
_ndb_struct_na_base_pair_step.twist 
_ndb_struct_na_base_pair_step.x_displacement 
_ndb_struct_na_base_pair_step.y_displacement 
_ndb_struct_na_base_pair_step.helical_rise 
_ndb_struct_na_base_pair_step.inclination 
_ndb_struct_na_base_pair_step.tip 
_ndb_struct_na_base_pair_step.helical_twist 
_ndb_struct_na_base_pair_step.step_number 
_ndb_struct_na_base_pair_step.step_name 
_ndb_struct_na_base_pair_step.i_auth_asym_id_1 
_ndb_struct_na_base_pair_step.i_auth_seq_id_1 
_ndb_struct_na_base_pair_step.i_PDB_ins_code_1 
_ndb_struct_na_base_pair_step.j_auth_asym_id_1 
_ndb_struct_na_base_pair_step.j_auth_seq_id_1 
_ndb_struct_na_base_pair_step.j_PDB_ins_code_1 
_ndb_struct_na_base_pair_step.i_auth_asym_id_2 
_ndb_struct_na_base_pair_step.i_auth_seq_id_2 
_ndb_struct_na_base_pair_step.i_PDB_ins_code_2 
_ndb_struct_na_base_pair_step.j_auth_asym_id_2 
_ndb_struct_na_base_pair_step.j_auth_seq_id_2 
_ndb_struct_na_base_pair_step.j_PDB_ins_code_2 
1 A DG  1 1_555 B DC  8 1_555 A C38 2 1_555 B DG  7 1_555 0.305  -0.145 2.969 1.867  3.661  26.526 -1.169 -0.219 2.937 7.917  
-4.039 26.837 1 AA_DG1C382:DG15DC16_BB A 1 ? B 16 ? A 2 ? B 15 ? 
1 A C38 2 1_555 B DG  7 1_555 A DG  3 1_555 B DA  6 1_555 0.143  2.084  3.136 2.907  5.905  56.386 1.868  0.010  3.324 6.226  
-3.065 56.737 2 AA_C382DG3:DA14DG15_BB A 2 ? B 15 ? A 3 ? B 14 ? 
1 A DA  6 1_555 B DG  3 1_555 A DG  7 1_555 B C38 2 1_555 -1.026 1.610  3.418 1.927  10.372 54.130 1.075  1.233  3.611 11.277 
-2.095 55.072 3 AA_DA6DG7:C3810DG11_BB A 6 ? B 11 ? A 7 ? B 10 ? 
1 A DG  7 1_555 B C38 2 1_555 A DC  8 1_555 B DG  1 1_555 -0.522 0.048  3.000 -3.445 -0.742 29.405 0.238  0.347  3.037 -1.454 
6.756  29.611 4 AA_DG7DC8:DG9C3810_BB  A 7 ? B 10 ? A 8 ? B 9  ? 
# 
loop_
_pdbx_entity_nonpoly.entity_id 
_pdbx_entity_nonpoly.name 
_pdbx_entity_nonpoly.comp_id 
2 'POTASSIUM ION' K   
3 water           HOH 
# 
_pdbx_initial_refinement_model.id               1 
_pdbx_initial_refinement_model.entity_id_list   ? 
_pdbx_initial_refinement_model.type             'experimental model' 
_pdbx_initial_refinement_model.source_name      PDB 
_pdbx_initial_refinement_model.accession_code   1V3N 
_pdbx_initial_refinement_model.details          'PDB ENTRY 1V3N' 
# 
